data_5B5T
#
_entry.id   5B5T
#
_cell.length_a   77.990
_cell.length_b   126.388
_cell.length_c   129.075
_cell.angle_alpha   90.00
_cell.angle_beta   90.00
_cell.angle_gamma   90.00
#
_symmetry.space_group_name_H-M   'P 21 21 21'
#
loop_
_entity.id
_entity.type
_entity.pdbx_description
1 polymer 'Gamma-glutamyltranspeptidase large chain'
2 polymer 'Gamma-glutamyltranspeptidase small chain'
3 non-polymer '(2~{S})-2-azanyl-4-[(2~{R})-1-(2-hydroxy-2-oxoethylamino)-1-oxidanylidene-butan-2-yl]oxyphosphonoyl-butanoic acid'
4 non-polymer 'CALCIUM ION'
5 water water
#
loop_
_entity_poly.entity_id
_entity_poly.type
_entity_poly.pdbx_seq_one_letter_code
_entity_poly.pdbx_strand_id
1 'polypeptide(L)'
;AAPPAPPVSYGVEEDVFHPVRAKQGMVASVDATATQVGVDILKEGGNAVDAAVAVGYALAVTHPQAGNLGGGGFMLIRSK
NGNTTAIDFREMAPAKATRDMFLDDQGNPDSKKSLTSHLASGTPGTVAGFSLALDKYGTMPLNKVVQPAFKLARDGFIVN
DALADDLKTYGSEVLPNHENSKAIFWKEGEPLKKGDTLVQANLAKSLEMIAENGPDEFYKGTIAEQIAQEMQKNGGLITK
EDLAAYKAVERTPISGDYRGYQVYSMPPPSSGGIHIVQILNILENFDMKKYGFGSADAMQIMAEAEKYAYADRSEYLGDP
DFVKVPWQALTNKAYAKSIADQIDINKAKPSSEIRPGKLAPYESNQ
;
A,C
2 'polypeptide(L)'
;TTHYSVVDKDGNAVAVTYTLNTTFGTGIVAGESGILLNNQMDDFSAKPGVPNVYGLVGGDANAVGPNKRPLSSMSPTIVV
KDGKTWLVTGSPGGSRIITTVLQMVVNSIDYGLNVAEATNAPRFHHQWLPDELRVEKGFSPDTLKLLEAKGQKVALKEAM
GSTQSIMVGPDGELYGASDPRSVDDLTAGY
;
B,D
#
loop_
_chem_comp.id
_chem_comp.type
_chem_comp.name
_chem_comp.formula
6FY non-polymer '(2~{S})-2-azanyl-4-[(2~{R})-1-(2-hydroxy-2-oxoethylamino)-1-oxidanylidene-butan-2-yl]oxyphosphonoyl-butanoic acid' 'C10 H19 N2 O7 P'
CA non-polymer 'CALCIUM ION' 'Ca 2'
#
# COMPACT_ATOMS: atom_id res chain seq x y z
N ASP A 15 -8.85 -10.46 -0.29
CA ASP A 15 -7.56 -9.95 0.19
C ASP A 15 -7.62 -8.45 0.45
N VAL A 16 -6.89 -8.01 1.46
CA VAL A 16 -6.70 -6.58 1.69
C VAL A 16 -5.59 -6.05 0.79
N PHE A 17 -4.55 -6.86 0.54
CA PHE A 17 -3.41 -6.43 -0.26
C PHE A 17 -3.33 -7.27 -1.52
N HIS A 18 -3.18 -6.60 -2.67
CA HIS A 18 -3.22 -7.22 -3.97
C HIS A 18 -1.89 -7.05 -4.70
N PRO A 19 -1.30 -8.12 -5.19
CA PRO A 19 -0.10 -7.98 -6.03
C PRO A 19 -0.41 -7.35 -7.38
N VAL A 20 0.61 -6.68 -7.91
CA VAL A 20 0.65 -6.30 -9.32
C VAL A 20 0.72 -7.59 -10.13
N ARG A 21 0.06 -7.59 -11.28
CA ARG A 21 -0.03 -8.80 -12.08
C ARG A 21 0.46 -8.56 -13.50
N ALA A 22 1.16 -9.55 -14.06
CA ALA A 22 1.61 -9.48 -15.44
C ALA A 22 1.70 -10.89 -16.00
N LYS A 23 1.55 -11.00 -17.31
CA LYS A 23 1.57 -12.31 -17.95
C LYS A 23 2.94 -12.68 -18.51
N GLN A 24 3.79 -11.73 -18.87
CA GLN A 24 5.04 -12.04 -19.55
C GLN A 24 6.26 -11.78 -18.68
N GLY A 25 6.56 -10.52 -18.37
CA GLY A 25 7.75 -10.19 -17.61
C GLY A 25 7.40 -9.18 -16.54
N MET A 26 8.30 -9.07 -15.55
CA MET A 26 8.03 -8.19 -14.41
C MET A 26 9.35 -7.72 -13.80
N VAL A 27 9.35 -6.46 -13.36
CA VAL A 27 10.47 -5.87 -12.63
C VAL A 27 9.92 -5.21 -11.38
N ALA A 28 10.60 -5.44 -10.25
CA ALA A 28 10.27 -4.78 -8.98
C ALA A 28 11.53 -4.05 -8.52
N SER A 29 11.43 -2.74 -8.32
CA SER A 29 12.58 -2.00 -7.80
C SER A 29 12.11 -0.82 -6.97
N VAL A 30 13.08 -0.23 -6.26
CA VAL A 30 12.80 0.89 -5.36
C VAL A 30 12.47 2.18 -6.09
N ASP A 31 12.58 2.21 -7.41
CA ASP A 31 12.45 3.48 -8.14
C ASP A 31 11.62 3.30 -9.41
N ALA A 32 10.58 4.12 -9.56
CA ALA A 32 9.68 3.96 -10.70
C ALA A 32 10.41 4.06 -12.03
N THR A 33 11.30 5.03 -12.18
CA THR A 33 12.00 5.18 -13.46
C THR A 33 12.86 3.96 -13.77
N ALA A 34 13.60 3.47 -12.78
CA ALA A 34 14.45 2.30 -13.03
C ALA A 34 13.61 1.06 -13.36
N THR A 35 12.47 0.90 -12.68
CA THR A 35 11.59 -0.22 -13.00
C THR A 35 11.14 -0.16 -14.45
N GLN A 36 10.75 1.03 -14.90
CA GLN A 36 10.28 1.18 -16.28
C GLN A 36 11.41 0.94 -17.27
N VAL A 37 12.64 1.33 -16.92
CA VAL A 37 13.79 0.98 -17.74
C VAL A 37 13.88 -0.52 -17.93
N GLY A 38 13.78 -1.27 -16.82
CA GLY A 38 13.87 -2.72 -16.90
C GLY A 38 12.76 -3.33 -17.72
N VAL A 39 11.53 -2.84 -17.53
CA VAL A 39 10.40 -3.36 -18.30
C VAL A 39 10.61 -3.10 -19.79
N ASP A 40 11.14 -1.92 -20.14
CA ASP A 40 11.38 -1.60 -21.54
C ASP A 40 12.42 -2.52 -22.15
N ILE A 41 13.48 -2.86 -21.40
CA ILE A 41 14.47 -3.79 -21.91
C ILE A 41 13.85 -5.15 -22.17
N LEU A 42 13.00 -5.62 -21.26
CA LEU A 42 12.31 -6.88 -21.50
C LEU A 42 11.44 -6.79 -22.75
N LYS A 43 10.70 -5.69 -22.90
CA LYS A 43 9.83 -5.54 -24.07
C LYS A 43 10.63 -5.54 -25.37
N GLU A 44 11.86 -5.02 -25.34
CA GLU A 44 12.72 -5.00 -26.51
C GLU A 44 13.36 -6.35 -26.80
N GLY A 45 13.17 -7.35 -25.94
CA GLY A 45 13.72 -8.68 -26.16
C GLY A 45 14.86 -9.09 -25.25
N GLY A 46 15.28 -8.24 -24.31
CA GLY A 46 16.34 -8.63 -23.39
C GLY A 46 15.84 -9.67 -22.41
N ASN A 47 16.78 -10.49 -21.91
CA ASN A 47 16.39 -11.48 -20.90
C ASN A 47 16.48 -10.84 -19.51
N ALA A 48 16.30 -11.64 -18.47
CA ALA A 48 16.23 -11.09 -17.13
C ALA A 48 17.56 -10.49 -16.70
N VAL A 49 18.67 -11.09 -17.14
CA VAL A 49 19.98 -10.54 -16.83
C VAL A 49 20.18 -9.21 -17.56
N ASP A 50 19.80 -9.13 -18.84
CA ASP A 50 19.88 -7.86 -19.56
C ASP A 50 19.13 -6.76 -18.81
N ALA A 51 17.89 -7.04 -18.43
CA ALA A 51 17.07 -6.04 -17.75
C ALA A 51 17.64 -5.72 -16.38
N ALA A 52 18.14 -6.73 -15.67
CA ALA A 52 18.71 -6.50 -14.35
C ALA A 52 19.92 -5.57 -14.43
N VAL A 53 20.74 -5.73 -15.47
CA VAL A 53 21.90 -4.85 -15.61
C VAL A 53 21.45 -3.44 -15.99
N ALA A 54 20.44 -3.33 -16.86
CA ALA A 54 19.92 -2.01 -17.19
C ALA A 54 19.33 -1.32 -15.97
N VAL A 55 18.61 -2.07 -15.12
CA VAL A 55 18.04 -1.48 -13.91
C VAL A 55 19.16 -1.04 -12.98
N GLY A 56 20.21 -1.86 -12.84
CA GLY A 56 21.32 -1.49 -11.97
C GLY A 56 22.05 -0.25 -12.43
N TYR A 57 22.23 -0.09 -13.73
CA TYR A 57 22.81 1.15 -14.24
C TYR A 57 21.86 2.33 -14.10
N ALA A 58 20.55 2.11 -14.27
CA ALA A 58 19.61 3.22 -14.12
C ALA A 58 19.54 3.68 -12.67
N LEU A 59 19.52 2.74 -11.72
CA LEU A 59 19.52 3.13 -10.31
C LEU A 59 20.77 3.89 -9.93
N ALA A 60 21.91 3.62 -10.59
CA ALA A 60 23.12 4.36 -10.29
C ALA A 60 22.96 5.84 -10.64
N VAL A 61 21.96 6.17 -11.43
CA VAL A 61 21.61 7.56 -11.78
C VAL A 61 20.43 8.07 -10.96
N THR A 62 19.32 7.32 -10.94
CA THR A 62 18.11 7.83 -10.31
C THR A 62 18.02 7.56 -8.81
N HIS A 63 18.86 6.69 -8.26
CA HIS A 63 18.81 6.33 -6.84
C HIS A 63 20.21 6.43 -6.24
N PRO A 64 20.82 7.62 -6.29
CA PRO A 64 22.21 7.76 -5.85
C PRO A 64 22.41 7.42 -4.38
N GLN A 65 21.30 7.33 -3.62
CA GLN A 65 21.35 6.87 -2.23
C GLN A 65 22.04 5.52 -2.10
N ALA A 66 21.87 4.66 -3.11
CA ALA A 66 22.22 3.24 -2.96
C ALA A 66 22.51 2.58 -4.30
N GLY A 67 21.71 2.86 -5.33
CA GLY A 67 22.14 2.50 -6.68
C GLY A 67 23.47 3.17 -6.97
N ASN A 68 24.35 2.50 -7.71
CA ASN A 68 25.74 2.95 -7.63
C ASN A 68 26.59 2.39 -8.75
N LEU A 69 27.65 3.13 -9.08
CA LEU A 69 28.83 2.57 -9.71
C LEU A 69 30.00 2.44 -8.74
N GLY A 70 29.95 3.14 -7.61
CA GLY A 70 31.11 3.22 -6.73
C GLY A 70 30.97 2.35 -5.49
N GLY A 71 30.12 1.33 -5.55
CA GLY A 71 29.87 0.40 -4.45
C GLY A 71 29.98 -1.03 -4.94
N GLY A 72 29.09 -1.89 -4.45
CA GLY A 72 29.18 -3.30 -4.79
C GLY A 72 27.95 -4.03 -4.30
N GLY A 73 27.92 -5.34 -4.54
CA GLY A 73 26.74 -6.09 -4.17
C GLY A 73 26.81 -7.50 -4.74
N PHE A 74 25.62 -8.09 -4.88
CA PHE A 74 25.46 -9.50 -5.18
C PHE A 74 24.29 -9.69 -6.12
N MET A 75 24.41 -10.71 -6.97
CA MET A 75 23.36 -11.07 -7.91
C MET A 75 23.13 -12.56 -7.84
N LEU A 76 21.88 -12.95 -7.68
CA LEU A 76 21.45 -14.34 -7.76
C LEU A 76 20.73 -14.52 -9.08
N ILE A 77 21.17 -15.48 -9.88
CA ILE A 77 20.60 -15.75 -11.20
C ILE A 77 20.05 -17.17 -11.19
N ARG A 78 18.81 -17.34 -11.63
CA ARG A 78 18.29 -18.69 -11.85
C ARG A 78 17.70 -18.73 -13.25
N SER A 79 18.32 -19.53 -14.13
CA SER A 79 17.83 -19.69 -15.49
C SER A 79 16.54 -20.51 -15.49
N LYS A 80 15.80 -20.36 -16.59
CA LYS A 80 14.58 -21.14 -16.81
C LYS A 80 14.84 -22.63 -16.70
N ASN A 81 16.07 -23.08 -16.98
CA ASN A 81 16.43 -24.49 -16.95
C ASN A 81 16.82 -24.96 -15.55
N GLY A 82 16.79 -24.08 -14.56
CA GLY A 82 17.07 -24.44 -13.19
C GLY A 82 18.46 -24.12 -12.71
N ASN A 83 19.39 -23.79 -13.61
CA ASN A 83 20.75 -23.49 -13.17
C ASN A 83 20.74 -22.23 -12.32
N THR A 84 21.25 -22.35 -11.09
CA THR A 84 21.19 -21.25 -10.12
C THR A 84 22.61 -20.90 -9.72
N THR A 85 22.94 -19.60 -9.78
CA THR A 85 24.30 -19.20 -9.51
C THR A 85 24.31 -17.84 -8.83
N ALA A 86 25.45 -17.51 -8.22
CA ALA A 86 25.59 -16.25 -7.51
C ALA A 86 26.80 -15.50 -8.05
N ILE A 87 26.65 -14.18 -8.19
CA ILE A 87 27.74 -13.31 -8.61
C ILE A 87 28.12 -12.45 -7.42
N ASP A 88 29.36 -12.58 -6.97
CA ASP A 88 29.90 -11.78 -5.88
C ASP A 88 30.63 -10.59 -6.49
N PHE A 89 30.04 -9.41 -6.40
CA PHE A 89 30.78 -8.21 -6.79
C PHE A 89 30.87 -7.26 -5.60
N ARG A 90 31.14 -7.85 -4.44
CA ARG A 90 31.48 -7.13 -3.23
C ARG A 90 32.83 -6.42 -3.40
N GLU A 91 32.91 -5.22 -2.83
CA GLU A 91 34.18 -4.48 -2.82
C GLU A 91 35.29 -5.30 -2.16
N MET A 92 36.51 -5.11 -2.65
CA MET A 92 37.73 -5.61 -2.03
C MET A 92 38.40 -4.46 -1.27
N ALA A 93 38.89 -4.75 -0.07
CA ALA A 93 39.66 -3.75 0.64
C ALA A 93 40.92 -3.42 -0.17
N PRO A 94 41.38 -2.17 -0.12
CA PRO A 94 42.63 -1.84 -0.83
C PRO A 94 43.79 -2.71 -0.37
N ALA A 95 44.79 -2.85 -1.24
CA ALA A 95 45.95 -3.65 -0.89
C ALA A 95 46.70 -3.06 0.30
N LYS A 96 46.56 -1.75 0.52
CA LYS A 96 47.22 -1.08 1.62
C LYS A 96 46.39 -1.09 2.91
N ALA A 97 45.20 -1.67 2.87
CA ALA A 97 44.38 -1.77 4.08
C ALA A 97 45.09 -2.65 5.11
N THR A 98 44.94 -2.28 6.38
CA THR A 98 45.55 -3.02 7.47
C THR A 98 44.51 -3.31 8.55
N ARG A 99 44.78 -4.34 9.33
CA ARG A 99 43.86 -4.82 10.35
C ARG A 99 43.38 -3.70 11.27
N ASP A 100 44.29 -2.83 11.73
CA ASP A 100 43.95 -1.81 12.72
C ASP A 100 43.79 -0.41 12.12
N MET A 101 43.47 -0.31 10.83
CA MET A 101 43.47 1.00 10.17
C MET A 101 42.39 1.93 10.69
N PHE A 102 41.38 1.44 11.40
CA PHE A 102 40.30 2.29 11.88
C PHE A 102 40.37 2.58 13.38
N LEU A 103 41.45 2.17 14.04
CA LEU A 103 41.63 2.46 15.45
C LEU A 103 42.30 3.81 15.63
N ASP A 104 41.86 4.55 16.66
CA ASP A 104 42.53 5.78 17.00
C ASP A 104 43.82 5.47 17.76
N ASP A 105 44.50 6.51 18.21
CA ASP A 105 45.76 6.33 18.93
C ASP A 105 45.60 5.58 20.24
N GLN A 106 44.38 5.47 20.77
CA GLN A 106 44.11 4.69 21.97
C GLN A 106 43.70 3.26 21.68
N GLY A 107 43.57 2.88 20.41
CA GLY A 107 43.15 1.53 20.08
C GLY A 107 41.67 1.33 19.96
N ASN A 108 40.87 2.41 19.95
CA ASN A 108 39.41 2.34 19.86
C ASN A 108 38.96 2.70 18.46
N PRO A 109 38.04 1.90 17.90
CA PRO A 109 37.54 2.17 16.54
C PRO A 109 37.00 3.59 16.44
N ASP A 110 37.33 4.24 15.33
CA ASP A 110 36.86 5.58 15.01
C ASP A 110 35.86 5.44 13.87
N SER A 111 34.57 5.61 14.18
CA SER A 111 33.54 5.41 13.16
C SER A 111 33.59 6.48 12.08
N LYS A 112 34.18 7.65 12.37
CA LYS A 112 34.35 8.65 11.32
C LYS A 112 35.30 8.14 10.25
N LYS A 113 36.34 7.41 10.65
CA LYS A 113 37.29 6.91 9.66
C LYS A 113 36.68 5.84 8.77
N SER A 114 35.80 5.00 9.33
CA SER A 114 35.24 3.90 8.54
C SER A 114 33.96 4.28 7.83
N LEU A 115 33.43 5.49 8.04
CA LEU A 115 32.15 5.88 7.47
C LEU A 115 32.19 7.17 6.65
N THR A 116 33.04 8.13 6.99
CA THR A 116 33.00 9.40 6.28
C THR A 116 34.32 9.84 5.67
N SER A 117 35.44 9.18 6.00
CA SER A 117 36.73 9.55 5.43
C SER A 117 36.96 8.80 4.12
N HIS A 118 38.01 9.19 3.39
CA HIS A 118 38.37 8.45 2.18
C HIS A 118 38.86 7.04 2.50
N LEU A 119 39.23 6.76 3.75
CA LEU A 119 39.62 5.41 4.14
C LEU A 119 38.43 4.45 4.21
N ALA A 120 37.20 4.97 4.13
CA ALA A 120 36.01 4.16 4.29
C ALA A 120 35.70 3.30 3.08
N SER A 121 36.35 3.54 1.94
CA SER A 121 35.93 2.95 0.67
C SER A 121 36.68 1.67 0.34
N GLY A 122 35.93 0.67 -0.12
CA GLY A 122 36.53 -0.48 -0.75
C GLY A 122 36.55 -0.26 -2.26
N THR A 123 37.36 -1.07 -2.93
CA THR A 123 37.46 -1.01 -4.38
C THR A 123 36.12 -1.44 -4.98
N PRO A 124 35.44 -0.57 -5.74
CA PRO A 124 34.07 -0.88 -6.18
C PRO A 124 33.98 -2.06 -7.13
N GLY A 125 32.91 -2.84 -6.99
CA GLY A 125 32.76 -4.03 -7.82
C GLY A 125 31.57 -4.06 -8.75
N THR A 126 30.69 -3.05 -8.67
CA THR A 126 29.43 -3.12 -9.39
C THR A 126 29.63 -3.24 -10.90
N VAL A 127 30.51 -2.40 -11.47
CA VAL A 127 30.70 -2.46 -12.92
C VAL A 127 31.26 -3.81 -13.34
N ALA A 128 32.19 -4.37 -12.55
CA ALA A 128 32.74 -5.69 -12.85
C ALA A 128 31.66 -6.77 -12.74
N GLY A 129 30.83 -6.70 -11.70
CA GLY A 129 29.81 -7.72 -11.51
C GLY A 129 28.77 -7.72 -12.62
N PHE A 130 28.29 -6.52 -12.99
CA PHE A 130 27.30 -6.44 -14.06
C PHE A 130 27.86 -6.96 -15.38
N SER A 131 29.13 -6.66 -15.68
CA SER A 131 29.70 -7.13 -16.93
C SER A 131 29.96 -8.64 -16.91
N LEU A 132 30.39 -9.18 -15.77
CA LEU A 132 30.49 -10.64 -15.68
C LEU A 132 29.15 -11.28 -15.97
N ALA A 133 28.07 -10.79 -15.34
CA ALA A 133 26.74 -11.38 -15.56
C ALA A 133 26.28 -11.16 -16.98
N LEU A 134 26.44 -9.94 -17.49
CA LEU A 134 25.97 -9.63 -18.84
C LEU A 134 26.69 -10.47 -19.89
N ASP A 135 28.00 -10.62 -19.75
CA ASP A 135 28.76 -11.31 -20.80
C ASP A 135 28.44 -12.80 -20.81
N LYS A 136 28.25 -13.40 -19.65
CA LYS A 136 28.05 -14.84 -19.57
C LYS A 136 26.58 -15.23 -19.71
N TYR A 137 25.67 -14.47 -19.08
CA TYR A 137 24.26 -14.86 -18.97
C TYR A 137 23.28 -13.90 -19.66
N GLY A 138 23.74 -12.74 -20.13
CA GLY A 138 22.89 -11.83 -20.86
C GLY A 138 22.92 -12.11 -22.35
N THR A 139 22.24 -11.24 -23.10
CA THR A 139 22.25 -11.32 -24.56
C THR A 139 22.50 -9.99 -25.24
N MET A 140 22.47 -8.87 -24.52
CA MET A 140 22.67 -7.58 -25.15
C MET A 140 24.05 -7.04 -24.89
N PRO A 141 24.54 -6.14 -25.75
CA PRO A 141 25.82 -5.48 -25.47
C PRO A 141 25.68 -4.47 -24.34
N LEU A 142 26.82 -4.21 -23.70
CA LEU A 142 26.83 -3.30 -22.56
C LEU A 142 26.31 -1.91 -22.93
N ASN A 143 26.68 -1.41 -24.11
CA ASN A 143 26.25 -0.07 -24.52
C ASN A 143 24.73 0.03 -24.52
N LYS A 144 24.06 -1.04 -24.91
CA LYS A 144 22.61 -1.00 -25.03
C LYS A 144 21.93 -1.00 -23.66
N VAL A 145 22.49 -1.72 -22.68
CA VAL A 145 21.87 -1.71 -21.36
C VAL A 145 22.29 -0.50 -20.52
N VAL A 146 23.39 0.18 -20.90
CA VAL A 146 23.79 1.41 -20.22
C VAL A 146 23.08 2.64 -20.78
N GLN A 147 22.65 2.61 -22.03
CA GLN A 147 22.06 3.79 -22.67
C GLN A 147 20.92 4.43 -21.90
N PRO A 148 19.95 3.71 -21.33
CA PRO A 148 18.89 4.42 -20.57
C PRO A 148 19.43 5.23 -19.41
N ALA A 149 20.36 4.65 -18.65
CA ALA A 149 21.02 5.39 -17.57
C ALA A 149 21.77 6.60 -18.11
N PHE A 150 22.50 6.42 -19.21
CA PHE A 150 23.25 7.54 -19.80
C PHE A 150 22.34 8.72 -20.08
N LYS A 151 21.18 8.46 -20.71
CA LYS A 151 20.25 9.54 -21.01
C LYS A 151 19.73 10.22 -19.75
N LEU A 152 19.45 9.44 -18.71
CA LEU A 152 18.93 10.02 -17.47
C LEU A 152 19.98 10.92 -16.82
N ALA A 153 21.25 10.53 -16.91
CA ALA A 153 22.33 11.35 -16.39
C ALA A 153 22.50 12.62 -17.22
N ARG A 154 22.53 12.46 -18.55
CA ARG A 154 22.78 13.59 -19.44
C ARG A 154 21.63 14.60 -19.41
N ASP A 155 20.40 14.12 -19.57
CA ASP A 155 19.24 14.99 -19.70
C ASP A 155 18.54 15.30 -18.40
N GLY A 156 18.79 14.53 -17.35
CA GLY A 156 18.20 14.79 -16.05
C GLY A 156 16.86 14.10 -15.84
N PHE A 157 16.41 14.15 -14.59
CA PHE A 157 15.10 13.65 -14.20
C PHE A 157 14.62 14.49 -13.04
N ILE A 158 13.32 14.45 -12.78
CA ILE A 158 12.74 15.26 -11.72
C ILE A 158 12.96 14.58 -10.37
N VAL A 159 13.41 15.37 -9.38
CA VAL A 159 13.61 14.87 -8.03
C VAL A 159 12.25 14.58 -7.40
N ASN A 160 12.06 13.37 -6.89
CA ASN A 160 10.77 12.99 -6.31
C ASN A 160 10.81 13.12 -4.79
N ASP A 161 9.78 12.61 -4.12
CA ASP A 161 9.74 12.69 -2.67
C ASP A 161 10.85 11.88 -2.03
N ALA A 162 11.06 10.65 -2.52
CA ALA A 162 12.06 9.78 -1.89
C ALA A 162 13.44 10.41 -1.95
N LEU A 163 13.82 10.91 -3.12
CA LEU A 163 15.17 11.47 -3.28
C LEU A 163 15.31 12.79 -2.54
N ALA A 164 14.29 13.65 -2.64
CA ALA A 164 14.35 14.92 -1.90
C ALA A 164 14.49 14.68 -0.41
N ASP A 165 13.70 13.73 0.12
CA ASP A 165 13.76 13.43 1.54
C ASP A 165 15.10 12.86 1.94
N ASP A 166 15.67 11.98 1.11
CA ASP A 166 16.98 11.41 1.46
C ASP A 166 18.08 12.44 1.33
N LEU A 167 18.02 13.32 0.33
CA LEU A 167 19.02 14.38 0.25
C LEU A 167 19.01 15.26 1.49
N LYS A 168 17.81 15.61 1.98
CA LYS A 168 17.70 16.49 3.13
C LYS A 168 18.12 15.80 4.42
N THR A 169 17.70 14.55 4.61
CA THR A 169 17.96 13.88 5.88
C THR A 169 19.39 13.35 5.95
N TYR A 170 19.75 12.47 5.01
CA TYR A 170 21.03 11.79 5.05
C TYR A 170 22.10 12.52 4.24
N GLY A 171 21.70 13.10 3.11
CA GLY A 171 22.67 13.79 2.29
C GLY A 171 23.28 14.98 2.98
N SER A 172 22.49 15.67 3.82
CA SER A 172 22.96 16.87 4.50
C SER A 172 24.16 16.58 5.39
N GLU A 173 24.32 15.34 5.82
CA GLU A 173 25.42 15.01 6.72
C GLU A 173 26.75 14.84 6.00
N VAL A 174 26.75 14.62 4.68
CA VAL A 174 28.00 14.32 3.99
C VAL A 174 28.17 15.08 2.67
N LEU A 175 27.12 15.17 1.86
CA LEU A 175 27.26 15.70 0.50
C LEU A 175 27.79 17.12 0.45
N PRO A 176 27.33 18.07 1.26
CA PRO A 176 27.86 19.43 1.15
C PRO A 176 29.27 19.59 1.69
N ASN A 177 29.86 18.56 2.29
CA ASN A 177 31.22 18.64 2.82
C ASN A 177 32.28 18.31 1.79
N HIS A 178 31.89 17.98 0.55
CA HIS A 178 32.81 17.72 -0.53
C HIS A 178 32.41 18.54 -1.74
N GLU A 179 33.36 19.32 -2.28
CA GLU A 179 33.02 20.27 -3.32
C GLU A 179 32.39 19.59 -4.53
N ASN A 180 32.95 18.47 -4.97
CA ASN A 180 32.39 17.85 -6.17
C ASN A 180 31.01 17.25 -5.91
N SER A 181 30.76 16.72 -4.72
CA SER A 181 29.42 16.26 -4.38
C SER A 181 28.43 17.41 -4.28
N LYS A 182 28.82 18.48 -3.59
CA LYS A 182 27.93 19.62 -3.43
C LYS A 182 27.53 20.20 -4.79
N ALA A 183 28.48 20.22 -5.73
CA ALA A 183 28.20 20.77 -7.05
C ALA A 183 27.11 20.01 -7.79
N ILE A 184 26.92 18.74 -7.44
CA ILE A 184 25.94 17.91 -8.14
C ILE A 184 24.60 17.88 -7.43
N PHE A 185 24.60 17.69 -6.10
CA PHE A 185 23.37 17.39 -5.37
C PHE A 185 22.82 18.56 -4.58
N TRP A 186 23.57 19.64 -4.42
CA TRP A 186 23.10 20.83 -3.73
C TRP A 186 22.77 21.94 -4.73
N LYS A 187 21.87 22.83 -4.34
CA LYS A 187 21.49 23.95 -5.19
C LYS A 187 21.08 25.13 -4.31
N GLU A 188 21.66 26.30 -4.57
CA GLU A 188 21.30 27.51 -3.83
C GLU A 188 21.45 27.30 -2.32
N GLY A 189 22.51 26.59 -1.93
CA GLY A 189 22.83 26.32 -0.55
C GLY A 189 21.99 25.25 0.12
N GLU A 190 21.11 24.58 -0.60
CA GLU A 190 20.19 23.63 -0.03
C GLU A 190 20.23 22.33 -0.84
N PRO A 191 19.82 21.22 -0.26
CA PRO A 191 19.64 20.02 -1.07
C PRO A 191 18.61 20.28 -2.15
N LEU A 192 18.81 19.64 -3.30
CA LEU A 192 17.79 19.70 -4.34
C LEU A 192 16.43 19.33 -3.76
N LYS A 193 15.41 20.07 -4.17
CA LYS A 193 14.07 19.90 -3.63
C LYS A 193 13.20 19.11 -4.60
N LYS A 194 12.09 18.60 -4.09
CA LYS A 194 11.15 17.89 -4.93
C LYS A 194 10.68 18.79 -6.06
N GLY A 195 10.71 18.27 -7.28
CA GLY A 195 10.35 19.04 -8.45
C GLY A 195 11.52 19.64 -9.20
N ASP A 196 12.66 19.82 -8.53
CA ASP A 196 13.88 20.23 -9.20
C ASP A 196 14.31 19.15 -10.19
N THR A 197 15.18 19.53 -11.11
CA THR A 197 15.74 18.61 -12.09
C THR A 197 17.18 18.32 -11.71
N LEU A 198 17.52 17.04 -11.64
CA LEU A 198 18.89 16.60 -11.33
C LEU A 198 19.55 16.13 -12.62
N VAL A 199 20.52 16.91 -13.09
CA VAL A 199 21.36 16.55 -14.23
C VAL A 199 22.72 16.14 -13.68
N GLN A 200 23.29 15.05 -14.21
CA GLN A 200 24.58 14.54 -13.73
C GLN A 200 25.52 14.37 -14.94
N ALA A 201 26.09 15.49 -15.40
CA ALA A 201 26.87 15.48 -16.63
C ALA A 201 28.15 14.66 -16.49
N ASN A 202 28.82 14.76 -15.34
CA ASN A 202 30.03 13.97 -15.15
C ASN A 202 29.71 12.48 -15.13
N LEU A 203 28.64 12.10 -14.44
CA LEU A 203 28.23 10.70 -14.43
C LEU A 203 27.87 10.23 -15.83
N ALA A 204 27.23 11.11 -16.61
CA ALA A 204 26.90 10.78 -17.99
C ALA A 204 28.17 10.51 -18.80
N LYS A 205 29.22 11.31 -18.61
CA LYS A 205 30.47 11.04 -19.30
C LYS A 205 31.05 9.70 -18.87
N SER A 206 31.04 9.41 -17.57
CA SER A 206 31.52 8.12 -17.10
C SER A 206 30.72 6.98 -17.72
N LEU A 207 29.39 7.12 -17.76
CA LEU A 207 28.55 6.09 -18.37
C LEU A 207 28.85 5.94 -19.86
N GLU A 208 29.01 7.07 -20.56
CA GLU A 208 29.31 7.02 -21.99
C GLU A 208 30.63 6.31 -22.26
N MET A 209 31.61 6.48 -21.37
CA MET A 209 32.91 5.85 -21.58
C MET A 209 32.84 4.34 -21.29
N ILE A 210 32.05 3.94 -20.29
CA ILE A 210 31.86 2.51 -20.03
C ILE A 210 31.13 1.85 -21.19
N ALA A 211 30.10 2.52 -21.71
CA ALA A 211 29.36 1.96 -22.85
C ALA A 211 30.26 1.77 -24.06
N GLU A 212 31.20 2.69 -24.29
CA GLU A 212 32.03 2.62 -25.49
C GLU A 212 33.25 1.71 -25.30
N ASN A 213 33.90 1.78 -24.14
CA ASN A 213 35.15 1.06 -23.91
C ASN A 213 34.98 -0.18 -23.04
N GLY A 214 33.82 -0.38 -22.42
CA GLY A 214 33.58 -1.55 -21.61
C GLY A 214 34.02 -1.36 -20.17
N PRO A 215 33.90 -2.41 -19.35
CA PRO A 215 34.19 -2.26 -17.91
C PRO A 215 35.62 -1.82 -17.60
N ASP A 216 36.58 -2.01 -18.52
CA ASP A 216 37.93 -1.56 -18.23
C ASP A 216 38.06 -0.04 -18.16
N GLU A 217 37.09 0.69 -18.70
CA GLU A 217 37.06 2.13 -18.48
C GLU A 217 37.01 2.43 -16.98
N PHE A 218 36.25 1.63 -16.23
CA PHE A 218 36.12 1.84 -14.80
C PHE A 218 37.39 1.42 -14.06
N TYR A 219 37.95 0.27 -14.42
CA TYR A 219 39.03 -0.35 -13.63
C TYR A 219 40.42 0.00 -14.13
N LYS A 220 40.54 0.55 -15.34
CA LYS A 220 41.84 0.88 -15.92
C LYS A 220 41.86 2.18 -16.71
N GLY A 221 40.72 2.78 -17.01
CA GLY A 221 40.65 3.97 -17.83
C GLY A 221 40.52 5.25 -17.04
N THR A 222 39.84 6.23 -17.65
CA THR A 222 39.78 7.56 -17.05
C THR A 222 39.09 7.53 -15.70
N ILE A 223 38.04 6.71 -15.54
CA ILE A 223 37.36 6.60 -14.26
C ILE A 223 38.32 6.12 -13.18
N ALA A 224 39.11 5.10 -13.50
CA ALA A 224 40.08 4.57 -12.54
C ALA A 224 41.07 5.66 -12.11
N GLU A 225 41.55 6.46 -13.07
CA GLU A 225 42.46 7.55 -12.71
C GLU A 225 41.76 8.55 -11.79
N GLN A 226 40.48 8.84 -12.05
CA GLN A 226 39.76 9.82 -11.23
C GLN A 226 39.55 9.30 -9.81
N ILE A 227 39.27 8.00 -9.67
CA ILE A 227 39.17 7.41 -8.34
C ILE A 227 40.53 7.45 -7.64
N ALA A 228 41.59 7.07 -8.34
CA ALA A 228 42.90 7.00 -7.70
C ALA A 228 43.38 8.37 -7.24
N GLN A 229 43.17 9.41 -8.07
CA GLN A 229 43.57 10.76 -7.67
C GLN A 229 42.75 11.27 -6.50
N GLU A 230 41.42 11.05 -6.54
CA GLU A 230 40.58 11.44 -5.40
C GLU A 230 41.13 10.85 -4.12
N MET A 231 41.55 9.58 -4.17
CA MET A 231 42.11 8.92 -3.01
C MET A 231 43.48 9.47 -2.65
N GLN A 232 44.33 9.66 -3.65
CA GLN A 232 45.71 10.07 -3.37
C GLN A 232 45.75 11.48 -2.82
N LYS A 233 44.82 12.35 -3.27
CA LYS A 233 44.73 13.74 -2.82
C LYS A 233 44.24 13.89 -1.39
N ASN A 234 43.53 12.89 -0.84
CA ASN A 234 42.80 13.07 0.40
C ASN A 234 43.08 11.96 1.41
N GLY A 235 44.23 11.31 1.30
CA GLY A 235 44.62 10.28 2.25
C GLY A 235 43.86 8.99 2.13
N GLY A 236 43.27 8.69 0.96
CA GLY A 236 42.67 7.41 0.73
C GLY A 236 43.66 6.41 0.20
N LEU A 237 43.20 5.15 0.04
CA LEU A 237 44.10 4.05 -0.26
C LEU A 237 43.88 3.38 -1.61
N ILE A 238 42.70 3.52 -2.22
CA ILE A 238 42.47 2.83 -3.50
C ILE A 238 43.41 3.39 -4.55
N THR A 239 44.20 2.51 -5.14
CA THR A 239 45.14 2.85 -6.19
C THR A 239 44.68 2.24 -7.51
N LYS A 240 45.38 2.61 -8.58
CA LYS A 240 45.09 1.98 -9.86
C LYS A 240 45.43 0.50 -9.86
N GLU A 241 46.45 0.10 -9.09
CA GLU A 241 46.70 -1.33 -8.95
C GLU A 241 45.50 -2.03 -8.34
N ASP A 242 44.91 -1.44 -7.29
CA ASP A 242 43.69 -2.00 -6.70
C ASP A 242 42.60 -2.16 -7.75
N LEU A 243 42.35 -1.10 -8.51
CA LEU A 243 41.28 -1.15 -9.48
C LEU A 243 41.57 -2.16 -10.59
N ALA A 244 42.82 -2.23 -11.03
CA ALA A 244 43.19 -3.21 -12.05
C ALA A 244 43.11 -4.64 -11.53
N ALA A 245 43.26 -4.85 -10.22
CA ALA A 245 43.25 -6.19 -9.66
C ALA A 245 41.87 -6.65 -9.22
N TYR A 246 40.87 -5.77 -9.21
CA TYR A 246 39.55 -6.18 -8.78
C TYR A 246 38.97 -7.23 -9.72
N LYS A 247 38.21 -8.17 -9.16
CA LYS A 247 37.43 -9.06 -9.99
C LYS A 247 36.15 -9.45 -9.27
N ALA A 248 35.06 -9.52 -10.03
CA ALA A 248 33.86 -10.17 -9.55
C ALA A 248 34.08 -11.68 -9.64
N VAL A 249 33.37 -12.42 -8.79
CA VAL A 249 33.59 -13.86 -8.65
C VAL A 249 32.26 -14.58 -8.66
N GLU A 250 32.09 -15.50 -9.60
CA GLU A 250 30.92 -16.37 -9.61
C GLU A 250 31.13 -17.45 -8.55
N ARG A 251 30.13 -17.64 -7.69
CA ARG A 251 30.22 -18.57 -6.56
C ARG A 251 28.97 -19.44 -6.49
N THR A 252 29.12 -20.61 -5.88
CA THR A 252 27.99 -21.51 -5.69
C THR A 252 27.02 -20.92 -4.67
N PRO A 253 25.71 -20.85 -4.97
CA PRO A 253 24.75 -20.36 -3.99
C PRO A 253 24.74 -21.21 -2.73
N ILE A 254 24.42 -20.57 -1.61
CA ILE A 254 24.06 -21.30 -0.40
C ILE A 254 22.58 -21.64 -0.51
N SER A 255 22.22 -22.87 -0.14
CA SER A 255 20.82 -23.25 -0.30
C SER A 255 20.41 -24.26 0.75
N GLY A 256 19.09 -24.37 0.96
CA GLY A 256 18.54 -25.34 1.86
C GLY A 256 17.19 -25.83 1.38
N ASP A 257 16.54 -26.61 2.21
CA ASP A 257 15.21 -27.16 1.94
C ASP A 257 14.35 -26.88 3.16
N TYR A 258 13.23 -26.20 2.95
CA TYR A 258 12.29 -25.85 4.02
C TYR A 258 10.93 -26.39 3.62
N ARG A 259 10.50 -27.45 4.30
CA ARG A 259 9.20 -28.08 4.05
C ARG A 259 9.01 -28.43 2.57
N GLY A 260 10.09 -28.81 1.89
CA GLY A 260 10.02 -29.21 0.50
C GLY A 260 10.14 -28.08 -0.51
N TYR A 261 10.32 -26.85 -0.04
CA TYR A 261 10.71 -25.71 -0.87
C TYR A 261 12.21 -25.56 -0.77
N GLN A 262 12.87 -25.26 -1.90
CA GLN A 262 14.30 -25.04 -1.86
C GLN A 262 14.57 -23.54 -1.88
N VAL A 263 15.49 -23.11 -1.04
CA VAL A 263 15.78 -21.70 -0.80
C VAL A 263 17.21 -21.45 -1.21
N TYR A 264 17.44 -20.55 -2.16
CA TYR A 264 18.78 -20.21 -2.64
C TYR A 264 19.09 -18.77 -2.30
N SER A 265 20.29 -18.52 -1.80
CA SER A 265 20.67 -17.15 -1.48
C SER A 265 22.18 -17.02 -1.57
N MET A 266 22.71 -15.90 -1.08
CA MET A 266 24.13 -15.58 -1.32
C MET A 266 25.06 -16.33 -0.37
N PRO A 267 26.15 -16.91 -0.88
CA PRO A 267 27.17 -17.50 -0.03
C PRO A 267 28.10 -16.44 0.53
N PRO A 268 29.02 -16.82 1.43
CA PRO A 268 30.12 -15.90 1.79
C PRO A 268 30.77 -15.34 0.52
N PRO A 269 31.14 -14.05 0.47
CA PRO A 269 31.28 -13.06 1.55
C PRO A 269 29.97 -12.46 2.07
N SER A 270 28.83 -13.00 1.67
CA SER A 270 27.61 -12.65 2.39
C SER A 270 27.35 -13.68 3.48
N SER A 271 26.84 -13.18 4.59
CA SER A 271 26.31 -14.06 5.62
C SER A 271 24.85 -14.42 5.38
N GLY A 272 24.20 -13.80 4.41
CA GLY A 272 22.76 -13.89 4.36
C GLY A 272 22.22 -15.28 4.11
N GLY A 273 22.75 -15.94 3.07
CA GLY A 273 22.23 -17.25 2.71
C GLY A 273 22.38 -18.25 3.83
N ILE A 274 23.57 -18.30 4.46
CA ILE A 274 23.82 -19.22 5.56
C ILE A 274 22.77 -19.07 6.64
N HIS A 275 22.56 -17.84 7.12
CA HIS A 275 21.74 -17.70 8.31
C HIS A 275 20.25 -17.77 7.98
N ILE A 276 19.85 -17.40 6.77
CA ILE A 276 18.46 -17.65 6.38
C ILE A 276 18.19 -19.14 6.38
N VAL A 277 19.09 -19.92 5.79
CA VAL A 277 18.92 -21.38 5.73
C VAL A 277 18.99 -21.98 7.13
N GLN A 278 19.96 -21.53 7.94
CA GLN A 278 20.07 -22.04 9.30
C GLN A 278 18.78 -21.78 10.08
N ILE A 279 18.27 -20.54 10.04
CA ILE A 279 17.05 -20.24 10.80
C ILE A 279 15.86 -21.05 10.28
N LEU A 280 15.69 -21.11 8.95
CA LEU A 280 14.64 -21.97 8.42
C LEU A 280 14.80 -23.39 8.91
N ASN A 281 16.04 -23.90 8.97
CA ASN A 281 16.24 -25.27 9.48
C ASN A 281 15.73 -25.39 10.90
N ILE A 282 16.01 -24.38 11.74
CA ILE A 282 15.51 -24.38 13.12
C ILE A 282 13.99 -24.34 13.13
N LEU A 283 13.41 -23.36 12.42
CA LEU A 283 11.95 -23.20 12.41
C LEU A 283 11.24 -24.43 11.88
N GLU A 284 11.89 -25.20 10.99
CA GLU A 284 11.22 -26.33 10.39
C GLU A 284 10.77 -27.34 11.43
N ASN A 285 11.39 -27.34 12.60
CA ASN A 285 11.04 -28.21 13.71
C ASN A 285 9.76 -27.79 14.43
N PHE A 286 9.19 -26.64 14.09
CA PHE A 286 7.98 -26.14 14.73
C PHE A 286 6.87 -26.04 13.70
N ASP A 287 5.62 -26.17 14.17
CA ASP A 287 4.46 -26.04 13.30
C ASP A 287 4.09 -24.55 13.19
N MET A 288 4.89 -23.83 12.40
CA MET A 288 4.71 -22.39 12.26
C MET A 288 3.31 -22.03 11.77
N LYS A 289 2.80 -22.79 10.79
CA LYS A 289 1.47 -22.55 10.24
C LYS A 289 0.42 -22.56 11.35
N LYS A 290 0.56 -23.48 12.31
CA LYS A 290 -0.42 -23.61 13.37
C LYS A 290 -0.44 -22.37 14.28
N TYR A 291 0.75 -21.84 14.60
CA TYR A 291 0.81 -20.62 15.41
C TYR A 291 0.26 -19.42 14.66
N GLY A 292 0.68 -19.23 13.41
CA GLY A 292 0.10 -18.14 12.62
C GLY A 292 0.88 -16.84 12.74
N PHE A 293 0.74 -16.01 11.71
CA PHE A 293 1.40 -14.72 11.70
C PHE A 293 0.94 -13.87 12.88
N GLY A 294 1.88 -13.13 13.46
CA GLY A 294 1.58 -12.17 14.49
C GLY A 294 1.21 -12.77 15.82
N SER A 295 1.32 -14.09 15.97
CA SER A 295 1.11 -14.74 17.24
C SER A 295 2.36 -14.61 18.09
N ALA A 296 2.16 -14.48 19.41
CA ALA A 296 3.30 -14.41 20.31
C ALA A 296 4.14 -15.67 20.22
N ASP A 297 3.52 -16.83 19.96
CA ASP A 297 4.28 -18.07 19.86
C ASP A 297 5.22 -18.05 18.65
N ALA A 298 4.70 -17.67 17.48
CA ALA A 298 5.55 -17.65 16.29
C ALA A 298 6.68 -16.65 16.43
N MET A 299 6.40 -15.47 16.98
CA MET A 299 7.44 -14.46 17.14
C MET A 299 8.46 -14.90 18.17
N GLN A 300 8.01 -15.58 19.23
CA GLN A 300 8.91 -16.11 20.25
C GLN A 300 9.92 -17.08 19.63
N ILE A 301 9.42 -18.04 18.85
CA ILE A 301 10.29 -19.07 18.29
C ILE A 301 11.26 -18.47 17.29
N MET A 302 10.77 -17.55 16.44
CA MET A 302 11.67 -16.93 15.47
C MET A 302 12.70 -16.03 16.15
N ALA A 303 12.30 -15.27 17.17
CA ALA A 303 13.28 -14.41 17.84
C ALA A 303 14.38 -15.24 18.48
N GLU A 304 14.00 -16.35 19.10
CA GLU A 304 15.00 -17.20 19.75
C GLU A 304 15.93 -17.84 18.72
N ALA A 305 15.36 -18.36 17.63
CA ALA A 305 16.20 -18.97 16.60
C ALA A 305 17.18 -17.96 16.02
N GLU A 306 16.70 -16.73 15.81
CA GLU A 306 17.57 -15.69 15.25
C GLU A 306 18.78 -15.43 16.14
N LYS A 307 18.59 -15.50 17.46
CA LYS A 307 19.70 -15.23 18.39
C LYS A 307 20.89 -16.14 18.11
N TYR A 308 20.65 -17.44 18.00
CA TYR A 308 21.74 -18.39 17.77
C TYR A 308 22.46 -18.13 16.45
N ALA A 309 21.72 -17.73 15.42
CA ALA A 309 22.35 -17.50 14.12
C ALA A 309 23.25 -16.28 14.15
N TYR A 310 22.77 -15.17 14.74
CA TYR A 310 23.62 -13.99 14.79
C TYR A 310 24.82 -14.23 15.69
N ALA A 311 24.66 -15.04 16.73
CA ALA A 311 25.81 -15.44 17.52
C ALA A 311 26.82 -16.18 16.65
N ASP A 312 26.34 -17.14 15.85
CA ASP A 312 27.24 -17.83 14.93
C ASP A 312 27.82 -16.87 13.90
N ARG A 313 27.01 -15.94 13.40
CA ARG A 313 27.51 -14.97 12.42
C ARG A 313 28.76 -14.27 12.92
N SER A 314 28.81 -13.92 14.21
CA SER A 314 29.90 -13.09 14.72
C SER A 314 31.23 -13.83 14.75
N GLU A 315 31.20 -15.16 14.68
CA GLU A 315 32.38 -16.00 14.89
C GLU A 315 32.88 -16.65 13.61
N TYR A 316 31.99 -17.12 12.76
CA TYR A 316 32.35 -18.03 11.69
C TYR A 316 32.31 -17.45 10.28
N LEU A 317 31.82 -16.23 10.11
CA LEU A 317 31.56 -15.70 8.77
C LEU A 317 32.61 -14.67 8.37
N GLY A 318 33.16 -14.85 7.17
CA GLY A 318 34.09 -13.89 6.60
C GLY A 318 34.29 -14.23 5.15
N ASP A 319 35.17 -13.48 4.50
CA ASP A 319 35.49 -13.70 3.11
C ASP A 319 36.03 -15.12 2.95
N PRO A 320 35.37 -15.98 2.19
CA PRO A 320 35.82 -17.38 2.10
C PRO A 320 37.16 -17.55 1.39
N ASP A 321 37.64 -16.55 0.67
CA ASP A 321 38.97 -16.64 0.07
C ASP A 321 40.08 -16.44 1.09
N PHE A 322 39.73 -16.00 2.30
CA PHE A 322 40.71 -15.76 3.36
C PHE A 322 40.51 -16.66 4.57
N VAL A 323 39.28 -17.06 4.86
CA VAL A 323 39.00 -17.92 6.01
C VAL A 323 38.06 -19.02 5.55
N LYS A 324 38.23 -20.20 6.13
CA LYS A 324 37.34 -21.30 5.83
C LYS A 324 36.06 -21.12 6.63
N VAL A 325 34.93 -20.99 5.95
CA VAL A 325 33.63 -20.81 6.59
C VAL A 325 33.00 -22.18 6.75
N PRO A 326 32.58 -22.59 7.95
CA PRO A 326 31.96 -23.91 8.16
C PRO A 326 30.50 -23.92 7.73
N TRP A 327 30.26 -23.69 6.44
CA TRP A 327 28.90 -23.47 5.95
C TRP A 327 28.09 -24.75 5.97
N GLN A 328 28.74 -25.90 5.80
CA GLN A 328 28.04 -27.17 5.92
C GLN A 328 27.47 -27.35 7.32
N ALA A 329 28.31 -27.20 8.34
CA ALA A 329 27.82 -27.36 9.71
C ALA A 329 26.71 -26.35 10.03
N LEU A 330 26.90 -25.10 9.62
CA LEU A 330 25.93 -24.06 9.96
C LEU A 330 24.57 -24.32 9.35
N THR A 331 24.52 -25.00 8.20
CA THR A 331 23.26 -25.29 7.51
C THR A 331 22.84 -26.74 7.70
N ASN A 332 23.46 -27.44 8.65
CA ASN A 332 23.18 -28.84 8.92
C ASN A 332 21.88 -28.95 9.72
N LYS A 333 20.97 -29.83 9.30
CA LYS A 333 19.69 -29.92 9.98
C LYS A 333 19.81 -30.53 11.37
N ALA A 334 20.79 -31.40 11.61
CA ALA A 334 20.98 -31.91 12.96
C ALA A 334 21.47 -30.81 13.89
N TYR A 335 22.35 -29.93 13.40
CA TYR A 335 22.76 -28.78 14.20
C TYR A 335 21.56 -27.89 14.50
N ALA A 336 20.73 -27.63 13.48
CA ALA A 336 19.53 -26.82 13.70
C ALA A 336 18.58 -27.49 14.69
N LYS A 337 18.52 -28.82 14.67
CA LYS A 337 17.65 -29.52 15.61
C LYS A 337 18.14 -29.34 17.04
N SER A 338 19.47 -29.35 17.24
CA SER A 338 20.00 -29.14 18.58
C SER A 338 19.70 -27.74 19.09
N ILE A 339 19.55 -26.76 18.19
CA ILE A 339 19.15 -25.41 18.58
C ILE A 339 17.67 -25.37 18.90
N ALA A 340 16.84 -25.97 18.05
CA ALA A 340 15.39 -25.95 18.28
C ALA A 340 15.04 -26.58 19.63
N ASP A 341 15.78 -27.61 20.05
CA ASP A 341 15.50 -28.23 21.34
C ASP A 341 15.81 -27.31 22.51
N GLN A 342 16.63 -26.27 22.31
CA GLN A 342 16.93 -25.32 23.36
C GLN A 342 15.88 -24.22 23.49
N ILE A 343 15.02 -24.05 22.49
CA ILE A 343 14.08 -22.95 22.46
C ILE A 343 12.90 -23.26 23.38
N ASP A 344 12.67 -22.39 24.34
CA ASP A 344 11.53 -22.49 25.25
C ASP A 344 10.48 -21.50 24.76
N ILE A 345 9.36 -22.02 24.26
CA ILE A 345 8.32 -21.16 23.71
C ILE A 345 7.72 -20.23 24.76
N ASN A 346 8.00 -20.46 26.04
CA ASN A 346 7.46 -19.62 27.10
C ASN A 346 8.52 -18.85 27.87
N LYS A 347 9.79 -18.95 27.50
CA LYS A 347 10.85 -18.28 28.27
C LYS A 347 11.99 -17.95 27.32
N ALA A 348 12.20 -16.66 27.05
CA ALA A 348 13.30 -16.26 26.20
C ALA A 348 14.63 -16.44 26.92
N LYS A 349 15.67 -16.79 26.17
CA LYS A 349 16.99 -16.98 26.75
C LYS A 349 17.84 -15.75 26.51
N PRO A 350 18.35 -15.10 27.55
CA PRO A 350 19.15 -13.89 27.35
C PRO A 350 20.34 -14.13 26.43
N SER A 351 20.68 -13.12 25.63
CA SER A 351 21.83 -13.22 24.74
C SER A 351 23.14 -13.43 25.51
N SER A 352 23.21 -12.96 26.76
CA SER A 352 24.37 -13.22 27.59
C SER A 352 24.61 -14.71 27.81
N GLU A 353 23.60 -15.54 27.61
CA GLU A 353 23.71 -16.98 27.77
C GLU A 353 23.79 -17.70 26.43
N ILE A 354 24.09 -16.97 25.36
CA ILE A 354 24.18 -17.52 24.01
C ILE A 354 25.57 -17.23 23.47
N ARG A 355 26.29 -18.28 23.11
CA ARG A 355 27.59 -18.18 22.47
C ARG A 355 27.54 -18.85 21.11
N PRO A 356 28.52 -18.59 20.24
CA PRO A 356 28.58 -19.34 18.98
C PRO A 356 28.55 -20.84 19.22
N GLY A 357 27.87 -21.56 18.34
CA GLY A 357 27.67 -22.98 18.57
C GLY A 357 28.94 -23.79 18.40
N LYS A 358 28.92 -24.98 18.99
CA LYS A 358 30.01 -25.97 18.87
C LYS A 358 29.74 -26.79 17.62
N LEU A 359 30.50 -26.52 16.55
CA LEU A 359 30.20 -27.11 15.26
C LEU A 359 30.87 -28.47 15.04
N ALA A 360 31.89 -28.81 15.84
CA ALA A 360 32.64 -30.04 15.64
C ALA A 360 31.80 -31.29 15.38
N PRO A 361 30.74 -31.59 16.15
CA PRO A 361 29.96 -32.80 15.84
C PRO A 361 29.20 -32.75 14.52
N TYR A 362 29.26 -31.63 13.79
CA TYR A 362 28.52 -31.47 12.55
C TYR A 362 29.41 -31.21 11.34
N GLU A 363 30.72 -31.22 11.52
CA GLU A 363 31.64 -30.95 10.41
C GLU A 363 31.68 -32.14 9.48
N THR B 1 21.62 0.88 0.60
CA THR B 1 21.39 -0.42 -0.05
C THR B 1 20.02 -0.44 -0.73
N THR B 2 19.92 -1.18 -1.82
CA THR B 2 18.65 -1.29 -2.52
C THR B 2 18.60 -2.65 -3.20
N HIS B 3 17.40 -3.29 -3.26
CA HIS B 3 17.18 -4.59 -3.87
C HIS B 3 16.18 -4.49 -5.00
N TYR B 4 16.42 -5.21 -6.08
CA TYR B 4 15.44 -5.30 -7.13
C TYR B 4 15.39 -6.73 -7.68
N SER B 5 14.24 -7.08 -8.28
CA SER B 5 13.99 -8.43 -8.79
C SER B 5 13.44 -8.35 -10.21
N VAL B 6 13.77 -9.36 -11.02
CA VAL B 6 13.38 -9.41 -12.44
C VAL B 6 13.01 -10.83 -12.81
N VAL B 7 11.88 -11.01 -13.50
CA VAL B 7 11.55 -12.29 -14.14
C VAL B 7 11.11 -11.99 -15.57
N ASP B 8 11.69 -12.70 -16.55
CA ASP B 8 11.38 -12.45 -17.95
C ASP B 8 10.36 -13.46 -18.48
N LYS B 9 10.00 -13.29 -19.76
CA LYS B 9 8.95 -14.09 -20.41
C LYS B 9 9.31 -15.56 -20.47
N ASP B 10 10.59 -15.89 -20.46
CA ASP B 10 11.03 -17.28 -20.52
C ASP B 10 11.12 -17.95 -19.15
N GLY B 11 10.89 -17.21 -18.07
CA GLY B 11 11.02 -17.74 -16.73
C GLY B 11 12.39 -17.60 -16.09
N ASN B 12 13.33 -16.93 -16.75
CA ASN B 12 14.59 -16.59 -16.13
C ASN B 12 14.36 -15.58 -15.00
N ALA B 13 15.12 -15.71 -13.91
CA ALA B 13 14.95 -14.81 -12.77
C ALA B 13 16.30 -14.25 -12.34
N VAL B 14 16.29 -12.98 -11.89
CA VAL B 14 17.47 -12.35 -11.30
C VAL B 14 17.03 -11.57 -10.06
N ALA B 15 17.84 -11.66 -9.01
CA ALA B 15 17.66 -10.86 -7.80
C ALA B 15 18.99 -10.18 -7.50
N VAL B 16 18.98 -8.84 -7.40
CA VAL B 16 20.19 -8.05 -7.18
C VAL B 16 20.02 -7.24 -5.91
N THR B 17 20.96 -7.36 -4.96
CA THR B 17 21.06 -6.39 -3.88
C THR B 17 22.42 -5.72 -4.03
N TYR B 18 22.45 -4.39 -4.10
CA TYR B 18 23.76 -3.73 -4.13
C TYR B 18 23.67 -2.39 -3.41
N THR B 19 24.83 -1.78 -3.14
CA THR B 19 24.84 -0.77 -2.10
C THR B 19 26.12 0.05 -2.11
N LEU B 20 26.00 1.28 -1.60
CA LEU B 20 27.14 2.07 -1.17
C LEU B 20 27.45 1.87 0.30
N ASN B 21 26.70 1.01 0.96
CA ASN B 21 26.57 0.81 2.41
C ASN B 21 25.59 1.84 2.94
N THR B 22 26.07 2.90 3.61
CA THR B 22 25.09 3.85 4.13
C THR B 22 24.52 4.70 3.01
N THR B 23 23.51 5.52 3.36
CA THR B 23 22.84 6.35 2.36
C THR B 23 23.82 7.35 1.78
N PHE B 24 24.04 7.25 0.47
CA PHE B 24 25.03 8.03 -0.28
C PHE B 24 26.46 7.62 0.06
N GLY B 25 26.64 6.54 0.82
CA GLY B 25 27.99 6.11 1.17
C GLY B 25 28.73 7.20 1.93
N THR B 26 30.00 7.41 1.57
CA THR B 26 30.78 8.48 2.18
C THR B 26 30.25 9.86 1.84
N GLY B 27 29.41 9.96 0.79
CA GLY B 27 29.05 11.25 0.25
C GLY B 27 30.13 11.88 -0.59
N ILE B 28 31.22 11.17 -0.87
CA ILE B 28 32.36 11.67 -1.62
C ILE B 28 32.23 11.22 -3.05
N VAL B 29 32.16 12.17 -3.98
CA VAL B 29 32.24 11.85 -5.40
C VAL B 29 33.69 11.68 -5.78
N ALA B 30 34.00 10.73 -6.65
CA ALA B 30 35.38 10.51 -7.09
C ALA B 30 35.72 11.51 -8.20
N GLY B 31 36.40 12.59 -7.84
CA GLY B 31 36.86 13.53 -8.86
C GLY B 31 35.75 14.04 -9.73
N GLU B 32 36.02 14.11 -11.04
CA GLU B 32 35.07 14.57 -12.03
C GLU B 32 34.31 13.40 -12.67
N SER B 33 34.21 12.27 -11.98
CA SER B 33 33.51 11.10 -12.50
C SER B 33 32.02 11.13 -12.21
N GLY B 34 31.59 11.91 -11.22
CA GLY B 34 30.20 11.90 -10.82
C GLY B 34 29.78 10.69 -10.01
N ILE B 35 30.73 9.84 -9.60
CA ILE B 35 30.45 8.57 -8.95
C ILE B 35 30.68 8.68 -7.44
N LEU B 36 29.64 8.44 -6.65
CA LEU B 36 29.76 8.44 -5.20
C LEU B 36 30.50 7.21 -4.71
N LEU B 37 31.30 7.39 -3.65
CA LEU B 37 32.15 6.32 -3.14
C LEU B 37 31.55 5.66 -1.90
N ASN B 38 31.58 4.33 -1.89
CA ASN B 38 31.02 3.52 -0.81
C ASN B 38 31.78 3.75 0.50
N ASN B 39 31.09 3.45 1.61
CA ASN B 39 31.80 3.28 2.88
C ASN B 39 31.66 1.84 3.35
N GLN B 40 31.91 0.89 2.44
CA GLN B 40 31.77 -0.52 2.77
C GLN B 40 32.78 -1.00 3.81
N MET B 41 33.87 -0.26 4.04
CA MET B 41 34.89 -0.78 4.96
C MET B 41 34.39 -0.89 6.39
N ASP B 42 33.31 -0.17 6.73
CA ASP B 42 32.70 -0.32 8.05
C ASP B 42 32.02 -1.68 8.24
N ASP B 43 31.89 -2.49 7.18
CA ASP B 43 31.32 -3.81 7.37
C ASP B 43 32.35 -4.81 7.87
N PHE B 44 33.62 -4.47 7.85
CA PHE B 44 34.61 -5.25 8.58
C PHE B 44 34.39 -5.10 10.07
N SER B 45 34.97 -6.01 10.85
CA SER B 45 35.10 -5.79 12.28
C SER B 45 36.35 -4.95 12.51
N ALA B 46 36.17 -3.72 13.02
CA ALA B 46 37.31 -2.82 13.22
C ALA B 46 38.17 -3.26 14.38
N LYS B 47 37.57 -3.94 15.37
CA LYS B 47 38.23 -4.39 16.57
C LYS B 47 37.35 -5.52 17.08
N PRO B 48 37.91 -6.64 17.52
CA PRO B 48 37.07 -7.76 17.96
C PRO B 48 36.12 -7.34 19.08
N GLY B 49 34.84 -7.63 18.91
CA GLY B 49 33.84 -7.40 19.94
C GLY B 49 33.25 -6.01 19.98
N VAL B 50 33.62 -5.13 19.07
CA VAL B 50 33.12 -3.76 19.01
C VAL B 50 32.12 -3.69 17.86
N PRO B 51 30.90 -3.19 18.09
CA PRO B 51 29.89 -3.19 17.02
C PRO B 51 30.13 -2.10 15.97
N ASN B 52 29.65 -2.37 14.75
CA ASN B 52 29.71 -1.42 13.67
C ASN B 52 28.38 -0.65 13.65
N VAL B 53 28.09 0.02 12.54
CA VAL B 53 26.97 0.94 12.49
C VAL B 53 25.64 0.21 12.60
N TYR B 54 25.62 -1.09 12.29
CA TYR B 54 24.40 -1.90 12.39
C TYR B 54 24.35 -2.73 13.67
N GLY B 55 25.29 -2.54 14.59
CA GLY B 55 25.34 -3.35 15.79
C GLY B 55 25.90 -4.74 15.60
N LEU B 56 26.51 -5.03 14.45
CA LEU B 56 27.11 -6.32 14.19
C LEU B 56 28.54 -6.35 14.74
N VAL B 57 28.97 -7.53 15.17
CA VAL B 57 30.26 -7.71 15.80
C VAL B 57 31.01 -8.84 15.09
N GLY B 58 32.32 -8.86 15.27
CA GLY B 58 33.12 -9.89 14.64
C GLY B 58 34.42 -10.09 15.37
N GLY B 59 35.34 -10.75 14.66
CA GLY B 59 36.62 -11.12 15.22
C GLY B 59 37.62 -11.35 14.11
N ASP B 60 38.28 -12.51 14.12
CA ASP B 60 39.33 -12.74 13.12
C ASP B 60 38.76 -12.95 11.74
N ALA B 61 37.63 -13.66 11.64
CA ALA B 61 37.14 -14.05 10.33
C ALA B 61 36.79 -12.83 9.48
N ASN B 62 36.25 -11.80 10.12
CA ASN B 62 35.82 -10.59 9.42
C ASN B 62 36.68 -9.37 9.77
N ALA B 63 37.90 -9.60 10.26
CA ALA B 63 38.83 -8.50 10.46
C ALA B 63 39.20 -7.86 9.13
N VAL B 64 39.56 -6.57 9.18
CA VAL B 64 40.09 -5.91 8.00
C VAL B 64 41.36 -6.60 7.54
N GLY B 65 41.52 -6.72 6.22
CA GLY B 65 42.74 -7.21 5.63
C GLY B 65 42.85 -6.76 4.19
N PRO B 66 44.08 -6.71 3.67
CA PRO B 66 44.26 -6.28 2.28
C PRO B 66 43.55 -7.22 1.32
N ASN B 67 42.88 -6.63 0.33
CA ASN B 67 42.18 -7.33 -0.75
C ASN B 67 41.00 -8.16 -0.25
N LYS B 68 40.68 -8.05 1.04
CA LYS B 68 39.60 -8.83 1.61
C LYS B 68 38.24 -8.20 1.33
N ARG B 69 37.22 -9.05 1.17
CA ARG B 69 35.85 -8.60 0.96
C ARG B 69 35.17 -8.55 2.31
N PRO B 70 34.69 -7.39 2.76
CA PRO B 70 34.03 -7.32 4.06
C PRO B 70 32.72 -8.09 4.06
N LEU B 71 32.43 -8.73 5.20
CA LEU B 71 31.21 -9.52 5.35
C LEU B 71 29.97 -8.67 5.11
N SER B 72 29.03 -9.22 4.34
CA SER B 72 27.78 -8.55 4.00
C SER B 72 26.61 -9.29 4.63
N SER B 73 25.49 -8.60 4.76
CA SER B 73 24.23 -9.26 5.12
C SER B 73 23.27 -9.34 3.94
N MET B 74 23.67 -8.86 2.77
CA MET B 74 22.73 -8.80 1.64
C MET B 74 22.36 -10.20 1.18
N SER B 75 21.07 -10.39 0.90
CA SER B 75 20.49 -11.73 0.69
C SER B 75 19.49 -11.74 -0.46
N PRO B 76 19.91 -11.43 -1.69
CA PRO B 76 19.04 -11.75 -2.83
C PRO B 76 18.75 -13.25 -2.79
N THR B 77 17.46 -13.59 -2.88
CA THR B 77 16.98 -14.92 -2.52
C THR B 77 15.93 -15.39 -3.52
N ILE B 78 16.01 -16.66 -3.91
CA ILE B 78 15.01 -17.28 -4.76
C ILE B 78 14.52 -18.53 -4.06
N VAL B 79 13.20 -18.69 -3.96
CA VAL B 79 12.58 -19.89 -3.41
C VAL B 79 11.99 -20.68 -4.57
N VAL B 80 12.19 -21.99 -4.54
CA VAL B 80 11.75 -22.91 -5.57
C VAL B 80 10.60 -23.73 -5.02
N LYS B 81 9.53 -23.89 -5.80
CA LYS B 81 8.36 -24.68 -5.44
C LYS B 81 8.05 -25.63 -6.57
N ASP B 82 7.85 -26.91 -6.27
CA ASP B 82 7.57 -27.91 -7.29
C ASP B 82 8.58 -27.86 -8.44
N GLY B 83 9.83 -27.59 -8.10
CA GLY B 83 10.89 -27.59 -9.08
C GLY B 83 11.07 -26.30 -9.84
N LYS B 84 10.19 -25.32 -9.65
CA LYS B 84 10.22 -24.08 -10.41
C LYS B 84 10.43 -22.88 -9.51
N THR B 85 11.16 -21.91 -10.05
CA THR B 85 11.24 -20.59 -9.46
C THR B 85 9.87 -20.12 -9.04
N TRP B 86 9.75 -19.73 -7.78
CA TRP B 86 8.47 -19.39 -7.19
C TRP B 86 8.46 -18.02 -6.52
N LEU B 87 9.48 -17.70 -5.74
CA LEU B 87 9.57 -16.39 -5.11
C LEU B 87 10.96 -15.82 -5.34
N VAL B 88 11.01 -14.56 -5.79
CA VAL B 88 12.25 -13.82 -6.00
C VAL B 88 12.17 -12.61 -5.08
N THR B 89 13.12 -12.47 -4.15
CA THR B 89 12.96 -11.40 -3.18
C THR B 89 14.33 -10.97 -2.64
N GLY B 90 14.29 -10.03 -1.70
CA GLY B 90 15.47 -9.40 -1.17
C GLY B 90 15.11 -8.05 -0.60
N SER B 91 16.11 -7.43 0.05
CA SER B 91 15.80 -6.20 0.78
C SER B 91 17.07 -5.53 1.27
N PRO B 92 17.06 -4.21 1.44
CA PRO B 92 18.08 -3.55 2.25
C PRO B 92 17.77 -3.72 3.73
N GLY B 93 18.68 -3.26 4.60
CA GLY B 93 18.41 -3.24 6.01
C GLY B 93 19.60 -3.60 6.87
N GLY B 94 20.79 -3.63 6.26
CA GLY B 94 21.98 -4.03 6.98
C GLY B 94 21.77 -5.35 7.69
N SER B 95 21.96 -5.35 9.02
CA SER B 95 21.77 -6.58 9.80
C SER B 95 20.36 -7.14 9.66
N ARG B 96 19.37 -6.29 9.41
CA ARG B 96 17.99 -6.75 9.37
C ARG B 96 17.61 -7.39 8.04
N ILE B 97 18.50 -7.38 7.05
CA ILE B 97 18.22 -8.03 5.77
C ILE B 97 17.87 -9.50 5.99
N ILE B 98 18.64 -10.17 6.85
CA ILE B 98 18.45 -11.60 7.05
C ILE B 98 17.06 -11.90 7.57
N THR B 99 16.62 -11.16 8.59
CA THR B 99 15.30 -11.42 9.16
C THR B 99 14.16 -10.92 8.29
N THR B 100 14.36 -9.82 7.55
CA THR B 100 13.30 -9.37 6.65
C THR B 100 13.05 -10.38 5.54
N VAL B 101 14.13 -10.88 4.91
CA VAL B 101 13.96 -11.89 3.87
C VAL B 101 13.40 -13.18 4.48
N LEU B 102 13.88 -13.56 5.66
CA LEU B 102 13.32 -14.70 6.37
C LEU B 102 11.81 -14.58 6.52
N GLN B 103 11.33 -13.41 6.97
CA GLN B 103 9.89 -13.23 7.13
C GLN B 103 9.16 -13.32 5.80
N MET B 104 9.76 -12.84 4.70
CA MET B 104 9.12 -13.03 3.40
C MET B 104 8.92 -14.52 3.10
N VAL B 105 9.93 -15.33 3.40
CA VAL B 105 9.86 -16.76 3.12
C VAL B 105 8.83 -17.43 4.01
N VAL B 106 8.90 -17.16 5.33
CA VAL B 106 7.95 -17.74 6.27
C VAL B 106 6.53 -17.32 5.92
N ASN B 107 6.33 -16.02 5.67
CA ASN B 107 5.00 -15.52 5.32
C ASN B 107 4.44 -16.24 4.11
N SER B 108 5.29 -16.54 3.13
CA SER B 108 4.84 -17.16 1.88
C SER B 108 4.53 -18.64 2.06
N ILE B 109 5.42 -19.35 2.74
CA ILE B 109 5.31 -20.81 2.86
C ILE B 109 4.41 -21.20 4.03
N ASP B 110 4.69 -20.68 5.21
CA ASP B 110 3.97 -21.11 6.39
C ASP B 110 2.59 -20.47 6.50
N TYR B 111 2.48 -19.19 6.18
CA TYR B 111 1.23 -18.48 6.37
C TYR B 111 0.42 -18.34 5.08
N GLY B 112 0.95 -18.81 3.95
CA GLY B 112 0.20 -18.83 2.71
C GLY B 112 -0.19 -17.46 2.19
N LEU B 113 0.57 -16.43 2.56
CA LEU B 113 0.24 -15.07 2.16
C LEU B 113 0.67 -14.81 0.71
N ASN B 114 -0.18 -14.09 -0.04
CA ASN B 114 0.26 -13.68 -1.36
C ASN B 114 1.38 -12.65 -1.23
N VAL B 115 2.06 -12.38 -2.34
CA VAL B 115 3.32 -11.64 -2.24
C VAL B 115 3.11 -10.23 -1.73
N ALA B 116 1.94 -9.62 -1.99
CA ALA B 116 1.64 -8.31 -1.42
C ALA B 116 1.30 -8.42 0.05
N GLU B 117 0.56 -9.45 0.45
CA GLU B 117 0.27 -9.64 1.86
C GLU B 117 1.55 -9.86 2.65
N ALA B 118 2.45 -10.67 2.11
CA ALA B 118 3.72 -10.95 2.79
C ALA B 118 4.55 -9.69 2.91
N THR B 119 4.45 -8.81 1.93
CA THR B 119 5.23 -7.57 1.88
C THR B 119 4.72 -6.55 2.89
N ASN B 120 3.40 -6.40 2.97
CA ASN B 120 2.81 -5.38 3.83
C ASN B 120 2.67 -5.81 5.28
N ALA B 121 2.89 -7.08 5.59
CA ALA B 121 2.80 -7.52 6.97
C ALA B 121 3.94 -6.90 7.80
N PRO B 122 3.69 -6.63 9.08
CA PRO B 122 4.74 -6.02 9.90
C PRO B 122 5.86 -7.00 10.18
N ARG B 123 6.99 -6.46 10.63
CA ARG B 123 8.23 -7.21 10.79
C ARG B 123 8.81 -7.04 12.19
N PHE B 124 9.50 -8.08 12.64
CA PHE B 124 10.25 -8.06 13.89
C PHE B 124 11.63 -8.66 13.66
N HIS B 125 12.52 -8.48 14.64
CA HIS B 125 13.94 -8.72 14.41
C HIS B 125 14.67 -8.84 15.73
N HIS B 126 15.50 -9.88 15.85
CA HIS B 126 16.39 -10.04 16.99
C HIS B 126 17.74 -10.47 16.45
N GLN B 127 18.80 -9.71 16.78
CA GLN B 127 20.13 -9.97 16.24
C GLN B 127 21.15 -10.34 17.32
N TRP B 128 20.68 -10.91 18.43
CA TRP B 128 21.53 -11.41 19.52
C TRP B 128 22.06 -10.21 20.31
N LEU B 129 22.94 -9.43 19.70
CA LEU B 129 23.42 -8.18 20.27
C LEU B 129 23.06 -6.99 19.32
N PRO B 130 22.39 -5.95 19.84
CA PRO B 130 21.91 -5.77 21.21
C PRO B 130 20.79 -6.75 21.55
N ASP B 131 20.59 -7.04 22.85
CA ASP B 131 19.58 -8.02 23.25
C ASP B 131 18.23 -7.33 23.35
N GLU B 132 17.51 -7.28 22.23
CA GLU B 132 16.20 -6.66 22.15
C GLU B 132 15.44 -7.25 20.98
N LEU B 133 14.13 -7.44 21.18
CA LEU B 133 13.22 -7.85 20.11
C LEU B 133 12.71 -6.59 19.44
N ARG B 134 13.37 -6.19 18.35
CA ARG B 134 12.95 -5.02 17.58
C ARG B 134 11.67 -5.33 16.83
N VAL B 135 10.68 -4.42 16.95
CA VAL B 135 9.43 -4.57 16.23
C VAL B 135 9.11 -3.27 15.50
N GLU B 136 8.39 -3.43 14.40
CA GLU B 136 7.72 -2.32 13.72
C GLU B 136 6.37 -2.07 14.39
N LYS B 137 5.80 -0.91 14.09
CA LYS B 137 4.39 -0.70 14.35
C LYS B 137 3.59 -1.80 13.67
N GLY B 138 2.51 -2.24 14.33
CA GLY B 138 1.57 -3.12 13.66
C GLY B 138 1.31 -4.46 14.32
N PHE B 139 1.92 -4.71 15.47
CA PHE B 139 1.65 -5.94 16.21
C PHE B 139 0.65 -5.66 17.31
N SER B 140 -0.19 -6.64 17.61
CA SER B 140 -1.26 -6.45 18.56
C SER B 140 -0.68 -6.15 19.95
N PRO B 141 -1.27 -5.21 20.70
CA PRO B 141 -0.83 -5.02 22.09
C PRO B 141 -1.00 -6.28 22.92
N ASP B 142 -1.99 -7.11 22.60
CA ASP B 142 -2.15 -8.37 23.32
C ASP B 142 -0.95 -9.28 23.07
N THR B 143 -0.52 -9.35 21.80
CA THR B 143 0.63 -10.17 21.45
C THR B 143 1.91 -9.64 22.07
N LEU B 144 2.12 -8.31 22.03
CA LEU B 144 3.30 -7.73 22.64
C LEU B 144 3.33 -7.96 24.15
N LYS B 145 2.15 -8.00 24.79
CA LYS B 145 2.09 -8.30 26.21
C LYS B 145 2.60 -9.72 26.50
N LEU B 146 2.22 -10.67 25.65
CA LEU B 146 2.67 -12.05 25.84
C LEU B 146 4.16 -12.18 25.67
N LEU B 147 4.73 -11.50 24.66
CA LEU B 147 6.17 -11.58 24.42
C LEU B 147 6.96 -11.05 25.60
N GLU B 148 6.58 -9.89 26.14
CA GLU B 148 7.31 -9.36 27.30
C GLU B 148 7.16 -10.30 28.50
N ALA B 149 5.99 -10.92 28.65
CA ALA B 149 5.81 -11.89 29.73
C ALA B 149 6.72 -13.11 29.53
N LYS B 150 7.00 -13.46 28.27
CA LYS B 150 7.95 -14.52 27.96
C LYS B 150 9.40 -14.12 28.23
N GLY B 151 9.67 -12.84 28.45
CA GLY B 151 11.02 -12.35 28.67
C GLY B 151 11.63 -11.60 27.52
N GLN B 152 10.92 -11.44 26.40
CA GLN B 152 11.44 -10.62 25.32
C GLN B 152 11.48 -9.15 25.73
N LYS B 153 12.54 -8.47 25.31
CA LYS B 153 12.70 -7.03 25.55
C LYS B 153 12.25 -6.32 24.28
N VAL B 154 10.95 -5.97 24.22
CA VAL B 154 10.36 -5.40 23.01
C VAL B 154 10.78 -3.94 22.84
N ALA B 155 11.26 -3.61 21.63
CA ALA B 155 11.72 -2.26 21.29
C ALA B 155 11.08 -1.85 19.96
N LEU B 156 10.17 -0.88 20.02
CA LEU B 156 9.53 -0.33 18.83
C LEU B 156 10.51 0.62 18.14
N LYS B 157 10.84 0.34 16.88
CA LYS B 157 11.82 1.15 16.17
C LYS B 157 11.35 1.43 14.75
N GLU B 158 12.26 2.04 13.97
CA GLU B 158 11.96 2.50 12.63
C GLU B 158 11.53 1.35 11.73
N ALA B 159 10.77 1.66 10.68
CA ALA B 159 10.37 0.61 9.75
C ALA B 159 11.60 -0.05 9.15
N MET B 160 11.51 -1.37 8.94
CA MET B 160 12.64 -2.19 8.48
C MET B 160 12.44 -2.65 7.05
N GLY B 161 13.28 -2.17 6.14
CA GLY B 161 13.47 -2.82 4.85
C GLY B 161 12.72 -2.19 3.69
N SER B 162 12.95 -2.78 2.52
CA SER B 162 12.23 -2.44 1.30
C SER B 162 12.26 -3.64 0.37
N THR B 163 11.37 -4.60 0.62
CA THR B 163 11.29 -5.76 -0.25
C THR B 163 10.72 -5.37 -1.61
N GLN B 164 11.25 -6.00 -2.64
CA GLN B 164 10.85 -5.79 -4.02
C GLN B 164 10.83 -7.20 -4.60
N SER B 165 9.64 -7.76 -4.78
CA SER B 165 9.45 -9.21 -4.85
C SER B 165 8.56 -9.60 -6.02
N ILE B 166 8.80 -10.81 -6.54
CA ILE B 166 8.01 -11.38 -7.62
C ILE B 166 7.71 -12.84 -7.28
N MET B 167 6.44 -13.23 -7.35
CA MET B 167 6.05 -14.63 -7.17
C MET B 167 5.58 -15.15 -8.52
N VAL B 168 5.94 -16.39 -8.82
CA VAL B 168 5.62 -17.01 -10.11
C VAL B 168 4.54 -18.05 -9.87
N GLY B 169 3.37 -17.83 -10.46
CA GLY B 169 2.27 -18.76 -10.34
C GLY B 169 2.53 -20.03 -11.11
N PRO B 170 1.67 -21.03 -10.92
CA PRO B 170 1.86 -22.30 -11.65
C PRO B 170 1.75 -22.17 -13.15
N ASP B 171 0.78 -21.41 -13.67
CA ASP B 171 0.62 -21.18 -15.10
C ASP B 171 1.70 -20.28 -15.68
N GLY B 172 2.65 -19.80 -14.89
CA GLY B 172 3.64 -18.87 -15.37
C GLY B 172 3.23 -17.42 -15.25
N GLU B 173 2.04 -17.13 -14.73
CA GLU B 173 1.63 -15.76 -14.46
C GLU B 173 2.51 -15.16 -13.35
N LEU B 174 2.70 -13.84 -13.40
CA LEU B 174 3.59 -13.17 -12.45
C LEU B 174 2.80 -12.29 -11.49
N TYR B 175 3.22 -12.29 -10.22
CA TYR B 175 2.63 -11.49 -9.15
C TYR B 175 3.76 -10.73 -8.47
N GLY B 176 3.60 -9.42 -8.25
CA GLY B 176 4.69 -8.66 -7.68
C GLY B 176 4.22 -7.71 -6.59
N ALA B 177 5.17 -7.26 -5.78
CA ALA B 177 4.86 -6.28 -4.75
C ALA B 177 6.07 -5.43 -4.42
N SER B 178 5.84 -4.12 -4.35
CA SER B 178 6.78 -3.17 -3.79
C SER B 178 6.39 -2.88 -2.35
N ASP B 179 7.36 -2.44 -1.59
CA ASP B 179 7.18 -2.26 -0.16
C ASP B 179 6.41 -0.98 0.16
N PRO B 180 5.46 -1.02 1.10
CA PRO B 180 4.85 0.25 1.54
C PRO B 180 5.85 1.17 2.24
N ARG B 181 6.94 0.63 2.79
CA ARG B 181 7.88 1.44 3.54
C ARG B 181 8.66 2.40 2.66
N SER B 182 8.70 2.17 1.36
CA SER B 182 9.46 2.99 0.42
C SER B 182 8.51 3.70 -0.53
N VAL B 183 8.60 5.03 -0.59
CA VAL B 183 7.78 5.75 -1.56
C VAL B 183 8.53 5.86 -2.88
N ASP B 184 7.76 6.09 -3.96
CA ASP B 184 8.25 6.30 -5.31
C ASP B 184 8.86 5.06 -5.93
N ASP B 185 8.58 3.88 -5.38
CA ASP B 185 9.04 2.63 -5.97
C ASP B 185 8.00 2.09 -6.93
N LEU B 186 8.30 0.94 -7.56
CA LEU B 186 7.35 0.42 -8.54
C LEU B 186 7.64 -1.04 -8.84
N THR B 187 6.57 -1.83 -8.89
CA THR B 187 6.58 -3.13 -9.53
C THR B 187 5.66 -3.03 -10.74
N ALA B 188 6.17 -3.42 -11.90
CA ALA B 188 5.44 -3.28 -13.14
C ALA B 188 5.86 -4.38 -14.10
N GLY B 189 4.99 -4.65 -15.06
CA GLY B 189 5.28 -5.69 -16.03
C GLY B 189 4.51 -5.51 -17.31
N TYR B 190 4.40 -6.60 -18.06
CA TYR B 190 3.67 -6.59 -19.32
C TYR B 190 3.30 -8.02 -19.69
N ASP C 15 7.40 5.05 10.12
CA ASP C 15 6.12 4.64 9.55
C ASP C 15 6.29 3.54 8.51
N VAL C 16 5.42 2.53 8.58
CA VAL C 16 5.37 1.49 7.56
C VAL C 16 4.62 1.98 6.33
N PHE C 17 3.57 2.78 6.55
CA PHE C 17 2.72 3.28 5.47
C PHE C 17 2.85 4.79 5.39
N HIS C 18 2.94 5.29 4.16
CA HIS C 18 3.24 6.69 3.90
C HIS C 18 2.19 7.31 2.99
N PRO C 19 1.62 8.44 3.35
CA PRO C 19 0.65 9.09 2.47
C PRO C 19 1.30 9.74 1.26
N VAL C 20 0.48 9.92 0.22
CA VAL C 20 0.83 10.81 -0.88
C VAL C 20 0.87 12.23 -0.33
N ARG C 21 1.79 13.04 -0.86
CA ARG C 21 1.97 14.40 -0.38
C ARG C 21 1.79 15.40 -1.51
N ALA C 22 1.14 16.52 -1.19
CA ALA C 22 0.99 17.64 -2.13
C ALA C 22 0.97 18.93 -1.34
N LYS C 23 1.40 20.02 -1.99
CA LYS C 23 1.44 21.30 -1.29
C LYS C 23 0.20 22.15 -1.49
N GLN C 24 -0.52 21.97 -2.61
CA GLN C 24 -1.62 22.86 -2.95
C GLN C 24 -2.97 22.15 -3.00
N GLY C 25 -3.15 21.18 -3.89
CA GLY C 25 -4.44 20.53 -4.02
C GLY C 25 -4.28 19.02 -4.16
N MET C 26 -5.37 18.31 -3.88
CA MET C 26 -5.30 16.85 -3.86
C MET C 26 -6.68 16.25 -4.14
N VAL C 27 -6.69 15.14 -4.86
CA VAL C 27 -7.90 14.37 -5.15
C VAL C 27 -7.60 12.91 -4.82
N ALA C 28 -8.53 12.25 -4.13
CA ALA C 28 -8.44 10.82 -3.85
C ALA C 28 -9.71 10.16 -4.40
N SER C 29 -9.56 9.15 -5.26
CA SER C 29 -10.72 8.50 -5.84
C SER C 29 -10.38 7.06 -6.21
N VAL C 30 -11.42 6.30 -6.54
CA VAL C 30 -11.25 4.87 -6.84
C VAL C 30 -10.65 4.63 -8.21
N ASP C 31 -10.47 5.67 -9.02
CA ASP C 31 -10.09 5.49 -10.42
C ASP C 31 -9.02 6.50 -10.82
N ALA C 32 -7.90 5.98 -11.35
CA ALA C 32 -6.76 6.84 -11.69
C ALA C 32 -7.17 7.93 -12.67
N THR C 33 -7.86 7.57 -13.75
CA THR C 33 -8.28 8.58 -14.74
C THR C 33 -9.13 9.68 -14.10
N ALA C 34 -10.12 9.30 -13.29
CA ALA C 34 -10.97 10.31 -12.68
C ALA C 34 -10.20 11.18 -11.69
N THR C 35 -9.28 10.59 -10.94
CA THR C 35 -8.44 11.39 -10.05
C THR C 35 -7.67 12.45 -10.83
N GLN C 36 -7.11 12.07 -11.99
CA GLN C 36 -6.32 13.00 -12.79
C GLN C 36 -7.20 14.09 -13.42
N VAL C 37 -8.43 13.73 -13.79
CA VAL C 37 -9.39 14.75 -14.22
C VAL C 37 -9.56 15.80 -13.12
N GLY C 38 -9.77 15.34 -11.89
CA GLY C 38 -9.94 16.27 -10.79
C GLY C 38 -8.72 17.14 -10.55
N VAL C 39 -7.53 16.54 -10.59
CA VAL C 39 -6.31 17.31 -10.39
C VAL C 39 -6.16 18.35 -11.50
N ASP C 40 -6.50 17.98 -12.73
CA ASP C 40 -6.36 18.94 -13.82
C ASP C 40 -7.31 20.12 -13.65
N ILE C 41 -8.53 19.86 -13.18
CA ILE C 41 -9.47 20.96 -12.94
C ILE C 41 -8.91 21.90 -11.88
N LEU C 42 -8.34 21.35 -10.80
CA LEU C 42 -7.71 22.20 -9.79
C LEU C 42 -6.56 23.01 -10.39
N LYS C 43 -5.70 22.37 -11.18
CA LYS C 43 -4.56 23.07 -11.74
C LYS C 43 -5.01 24.22 -12.64
N GLU C 44 -6.11 24.05 -13.34
CA GLU C 44 -6.67 25.10 -14.19
C GLU C 44 -7.39 26.19 -13.41
N GLY C 45 -7.49 26.06 -12.09
CA GLY C 45 -8.08 27.09 -11.25
C GLY C 45 -9.45 26.78 -10.69
N GLY C 46 -10.00 25.60 -10.96
CA GLY C 46 -11.28 25.24 -10.36
C GLY C 46 -11.14 25.06 -8.86
N ASN C 47 -12.25 25.25 -8.13
CA ASN C 47 -12.18 25.04 -6.69
C ASN C 47 -12.57 23.58 -6.39
N ALA C 48 -12.65 23.24 -5.10
CA ALA C 48 -12.85 21.84 -4.72
C ALA C 48 -14.19 21.33 -5.23
N VAL C 49 -15.21 22.19 -5.26
CA VAL C 49 -16.49 21.76 -5.81
C VAL C 49 -16.41 21.56 -7.31
N ASP C 50 -15.80 22.50 -8.04
CA ASP C 50 -15.58 22.30 -9.48
C ASP C 50 -14.96 20.93 -9.74
N ALA C 51 -13.85 20.65 -9.05
CA ALA C 51 -13.13 19.39 -9.24
C ALA C 51 -13.99 18.19 -8.85
N ALA C 52 -14.72 18.29 -7.74
CA ALA C 52 -15.53 17.16 -7.29
C ALA C 52 -16.61 16.84 -8.31
N VAL C 53 -17.18 17.86 -8.94
CA VAL C 53 -18.19 17.59 -9.95
C VAL C 53 -17.54 16.98 -11.19
N ALA C 54 -16.36 17.48 -11.58
CA ALA C 54 -15.68 16.90 -12.73
C ALA C 54 -15.32 15.44 -12.47
N VAL C 55 -14.89 15.14 -11.25
CA VAL C 55 -14.56 13.76 -10.89
C VAL C 55 -15.80 12.90 -10.94
N GLY C 56 -16.93 13.45 -10.46
CA GLY C 56 -18.16 12.66 -10.43
C GLY C 56 -18.68 12.35 -11.82
N TYR C 57 -18.57 13.30 -12.75
CA TYR C 57 -18.94 13.01 -14.12
C TYR C 57 -17.95 12.04 -14.75
N ALA C 58 -16.66 12.20 -14.47
CA ALA C 58 -15.66 11.31 -15.05
C ALA C 58 -15.89 9.86 -14.62
N LEU C 59 -16.15 9.65 -13.32
CA LEU C 59 -16.43 8.30 -12.80
C LEU C 59 -17.70 7.71 -13.40
N ALA C 60 -18.68 8.56 -13.73
CA ALA C 60 -19.86 8.05 -14.40
C ALA C 60 -19.52 7.40 -15.74
N VAL C 61 -18.34 7.69 -16.26
CA VAL C 61 -17.85 7.11 -17.50
C VAL C 61 -16.82 6.01 -17.23
N THR C 62 -15.80 6.29 -16.43
CA THR C 62 -14.72 5.34 -16.25
C THR C 62 -14.98 4.30 -15.16
N HIS C 63 -16.00 4.47 -14.33
CA HIS C 63 -16.30 3.55 -13.23
C HIS C 63 -17.79 3.23 -13.28
N PRO C 64 -18.28 2.64 -14.37
CA PRO C 64 -19.73 2.43 -14.51
C PRO C 64 -20.28 1.49 -13.44
N GLN C 65 -19.41 0.78 -12.73
CA GLN C 65 -19.92 -0.08 -11.67
C GLN C 65 -20.54 0.72 -10.53
N ALA C 66 -20.17 1.99 -10.37
CA ALA C 66 -20.66 2.79 -9.24
C ALA C 66 -20.72 4.28 -9.51
N GLY C 67 -19.71 4.85 -10.17
CA GLY C 67 -19.89 6.19 -10.72
C GLY C 67 -21.07 6.19 -11.68
N ASN C 68 -21.81 7.29 -11.73
CA ASN C 68 -23.14 7.17 -12.33
C ASN C 68 -23.73 8.52 -12.67
N LEU C 69 -24.59 8.51 -13.69
CA LEU C 69 -25.66 9.49 -13.83
C LEU C 69 -27.00 8.91 -13.41
N GLY C 70 -27.11 7.60 -13.27
CA GLY C 70 -28.37 6.91 -13.06
C GLY C 70 -28.66 6.50 -11.63
N GLY C 71 -27.89 6.98 -10.66
CA GLY C 71 -28.06 6.66 -9.26
C GLY C 71 -28.16 7.95 -8.46
N GLY C 72 -27.45 7.99 -7.34
CA GLY C 72 -27.54 9.17 -6.50
C GLY C 72 -26.56 9.05 -5.35
N GLY C 73 -26.61 10.02 -4.45
CA GLY C 73 -25.64 10.00 -3.37
C GLY C 73 -25.65 11.31 -2.61
N PHE C 74 -24.52 11.59 -1.97
CA PHE C 74 -24.40 12.67 -1.01
C PHE C 74 -23.08 13.41 -1.22
N MET C 75 -23.09 14.70 -0.92
CA MET C 75 -21.88 15.51 -0.94
C MET C 75 -21.80 16.31 0.35
N LEU C 76 -20.65 16.23 1.01
CA LEU C 76 -20.36 17.08 2.16
C LEU C 76 -19.34 18.12 1.72
N ILE C 77 -19.64 19.39 1.99
CA ILE C 77 -18.82 20.51 1.55
C ILE C 77 -18.42 21.32 2.78
N ARG C 78 -17.14 21.68 2.86
CA ARG C 78 -16.73 22.64 3.89
C ARG C 78 -15.84 23.67 3.23
N SER C 79 -16.32 24.91 3.19
CA SER C 79 -15.52 25.97 2.60
C SER C 79 -14.41 26.39 3.55
N LYS C 80 -13.45 27.11 3.00
CA LYS C 80 -12.33 27.59 3.81
C LYS C 80 -12.80 28.47 4.97
N ASN C 81 -13.90 29.20 4.79
CA ASN C 81 -14.39 30.05 5.87
C ASN C 81 -15.17 29.29 6.94
N GLY C 82 -15.29 27.96 6.83
CA GLY C 82 -15.90 27.14 7.86
C GLY C 82 -17.33 26.72 7.58
N ASN C 83 -17.95 27.22 6.52
CA ASN C 83 -19.33 26.88 6.18
C ASN C 83 -19.39 25.42 5.77
N THR C 84 -20.08 24.60 6.55
CA THR C 84 -20.18 23.16 6.30
C THR C 84 -21.62 22.81 5.95
N THR C 85 -21.82 22.19 4.79
CA THR C 85 -23.16 21.87 4.34
C THR C 85 -23.18 20.50 3.67
N ALA C 86 -24.37 19.94 3.55
CA ALA C 86 -24.59 18.61 3.00
C ALA C 86 -25.59 18.70 1.87
N ILE C 87 -25.30 18.02 0.76
CA ILE C 87 -26.22 17.96 -0.37
C ILE C 87 -26.75 16.54 -0.44
N ASP C 88 -28.07 16.42 -0.26
CA ASP C 88 -28.78 15.16 -0.40
C ASP C 88 -29.23 15.05 -1.86
N PHE C 89 -28.59 14.19 -2.64
CA PHE C 89 -29.09 13.87 -3.97
C PHE C 89 -29.35 12.38 -4.08
N ARG C 90 -29.96 11.84 -3.03
CA ARG C 90 -30.45 10.47 -2.98
C ARG C 90 -31.65 10.32 -3.90
N GLU C 91 -31.80 9.13 -4.48
CA GLU C 91 -32.98 8.90 -5.34
C GLU C 91 -34.27 9.03 -4.54
N MET C 92 -35.33 9.47 -5.23
CA MET C 92 -36.69 9.44 -4.71
C MET C 92 -37.42 8.24 -5.32
N ALA C 93 -38.16 7.52 -4.48
CA ALA C 93 -39.06 6.49 -5.02
C ALA C 93 -40.06 7.12 -6.00
N PRO C 94 -40.38 6.44 -7.09
CA PRO C 94 -41.40 6.95 -8.01
C PRO C 94 -42.72 7.24 -7.28
N ALA C 95 -43.50 8.17 -7.83
CA ALA C 95 -44.77 8.50 -7.19
C ALA C 95 -45.74 7.32 -7.16
N LYS C 96 -45.58 6.36 -8.06
CA LYS C 96 -46.42 5.19 -8.06
C LYS C 96 -45.88 4.05 -7.20
N ALA C 97 -44.76 4.26 -6.50
CA ALA C 97 -44.26 3.24 -5.60
C ALA C 97 -45.22 3.05 -4.42
N THR C 98 -45.30 1.81 -3.92
CA THR C 98 -46.20 1.49 -2.83
C THR C 98 -45.48 0.63 -1.81
N ARG C 99 -45.99 0.67 -0.57
CA ARG C 99 -45.37 -0.01 0.56
C ARG C 99 -45.04 -1.47 0.25
N ASP C 100 -45.99 -2.19 -0.35
CA ASP C 100 -45.84 -3.63 -0.54
C ASP C 100 -45.42 -4.01 -1.97
N MET C 101 -44.80 -3.09 -2.71
CA MET C 101 -44.55 -3.35 -4.13
C MET C 101 -43.55 -4.48 -4.38
N PHE C 102 -42.74 -4.85 -3.38
CA PHE C 102 -41.73 -5.91 -3.55
C PHE C 102 -42.16 -7.23 -2.93
N LEU C 103 -43.41 -7.35 -2.50
CA LEU C 103 -43.89 -8.60 -1.93
C LEU C 103 -44.47 -9.52 -3.00
N ASP C 104 -44.18 -10.81 -2.89
CA ASP C 104 -44.80 -11.75 -3.80
C ASP C 104 -46.25 -12.02 -3.36
N ASP C 105 -46.92 -12.92 -4.06
CA ASP C 105 -48.32 -13.24 -3.76
C ASP C 105 -48.50 -13.83 -2.37
N GLN C 106 -47.44 -14.35 -1.76
CA GLN C 106 -47.49 -14.90 -0.41
C GLN C 106 -47.16 -13.86 0.65
N GLY C 107 -46.84 -12.63 0.26
CA GLY C 107 -46.49 -11.60 1.22
C GLY C 107 -45.03 -11.53 1.59
N ASN C 108 -44.15 -12.24 0.86
CA ASN C 108 -42.73 -12.30 1.18
C ASN C 108 -41.91 -11.48 0.19
N PRO C 109 -40.94 -10.70 0.66
CA PRO C 109 -40.18 -9.84 -0.25
C PRO C 109 -39.49 -10.66 -1.35
N ASP C 110 -39.50 -10.10 -2.54
CA ASP C 110 -38.88 -10.69 -3.73
C ASP C 110 -37.63 -9.88 -4.03
N SER C 111 -36.46 -10.43 -3.71
CA SER C 111 -35.23 -9.67 -3.92
C SER C 111 -34.91 -9.48 -5.39
N LYS C 112 -35.48 -10.30 -6.28
CA LYS C 112 -35.26 -10.05 -7.70
C LYS C 112 -35.96 -8.77 -8.13
N LYS C 113 -37.16 -8.52 -7.62
CA LYS C 113 -37.88 -7.31 -8.00
C LYS C 113 -37.13 -6.06 -7.56
N SER C 114 -36.58 -6.07 -6.34
CA SER C 114 -35.94 -4.89 -5.80
C SER C 114 -34.47 -4.76 -6.20
N LEU C 115 -33.90 -5.77 -6.86
CA LEU C 115 -32.51 -5.70 -7.29
C LEU C 115 -32.28 -5.81 -8.80
N THR C 116 -33.10 -6.57 -9.53
CA THR C 116 -32.82 -6.76 -10.94
C THR C 116 -33.95 -6.35 -11.88
N SER C 117 -35.13 -6.02 -11.38
CA SER C 117 -36.19 -5.58 -12.28
C SER C 117 -36.17 -4.06 -12.45
N HIS C 118 -36.96 -3.59 -13.40
CA HIS C 118 -37.11 -2.14 -13.55
C HIS C 118 -37.78 -1.48 -12.35
N LEU C 119 -38.48 -2.26 -11.53
CA LEU C 119 -39.05 -1.74 -10.29
C LEU C 119 -37.99 -1.37 -9.27
N ALA C 120 -36.75 -1.81 -9.48
CA ALA C 120 -35.67 -1.61 -8.50
C ALA C 120 -35.12 -0.20 -8.49
N SER C 121 -35.47 0.65 -9.46
CA SER C 121 -34.84 1.96 -9.62
C SER C 121 -35.60 3.07 -8.92
N GLY C 122 -34.84 3.96 -8.26
CA GLY C 122 -35.36 5.22 -7.82
C GLY C 122 -35.07 6.29 -8.86
N THR C 123 -35.77 7.41 -8.76
CA THR C 123 -35.54 8.53 -9.68
C THR C 123 -34.14 9.09 -9.41
N PRO C 124 -33.24 9.11 -10.39
CA PRO C 124 -31.83 9.44 -10.10
C PRO C 124 -31.63 10.88 -9.66
N GLY C 125 -30.68 11.07 -8.74
CA GLY C 125 -30.38 12.37 -8.17
C GLY C 125 -29.04 12.98 -8.54
N THR C 126 -28.11 12.19 -9.10
CA THR C 126 -26.74 12.65 -9.26
C THR C 126 -26.64 13.94 -10.06
N VAL C 127 -27.28 13.99 -11.24
CA VAL C 127 -27.15 15.20 -12.05
C VAL C 127 -27.69 16.43 -11.31
N ALA C 128 -28.81 16.27 -10.59
CA ALA C 128 -29.36 17.41 -9.84
C ALA C 128 -28.43 17.81 -8.70
N GLY C 129 -27.86 16.82 -8.00
CA GLY C 129 -26.97 17.13 -6.90
C GLY C 129 -25.72 17.87 -7.35
N PHE C 130 -25.12 17.42 -8.45
CA PHE C 130 -23.90 18.07 -8.93
C PHE C 130 -24.18 19.48 -9.41
N SER C 131 -25.33 19.70 -10.05
CA SER C 131 -25.66 21.05 -10.51
C SER C 131 -26.01 21.98 -9.35
N LEU C 132 -26.69 21.47 -8.32
CA LEU C 132 -26.94 22.32 -7.17
C LEU C 132 -25.62 22.78 -6.54
N ALA C 133 -24.72 21.83 -6.31
CA ALA C 133 -23.43 22.17 -5.71
C ALA C 133 -22.63 23.12 -6.61
N LEU C 134 -22.56 22.82 -7.91
CA LEU C 134 -21.75 23.62 -8.82
C LEU C 134 -22.27 25.05 -8.94
N ASP C 135 -23.59 25.19 -9.07
CA ASP C 135 -24.16 26.52 -9.25
C ASP C 135 -23.95 27.39 -8.02
N LYS C 136 -24.05 26.79 -6.83
CA LYS C 136 -24.02 27.58 -5.61
C LYS C 136 -22.63 27.73 -5.02
N TYR C 137 -21.81 26.68 -5.10
CA TYR C 137 -20.50 26.67 -4.46
C TYR C 137 -19.34 26.51 -5.41
N GLY C 138 -19.59 26.23 -6.68
CA GLY C 138 -18.54 26.12 -7.67
C GLY C 138 -18.22 27.47 -8.29
N THR C 139 -17.29 27.43 -9.24
CA THR C 139 -16.99 28.62 -10.03
C THR C 139 -17.02 28.38 -11.53
N MET C 140 -17.00 27.13 -12.01
CA MET C 140 -16.95 26.85 -13.43
C MET C 140 -18.33 26.52 -13.98
N PRO C 141 -18.54 26.76 -15.27
CA PRO C 141 -19.81 26.35 -15.88
C PRO C 141 -19.85 24.83 -16.04
N LEU C 142 -21.07 24.30 -16.06
CA LEU C 142 -21.26 22.86 -16.15
C LEU C 142 -20.55 22.25 -17.36
N ASN C 143 -20.58 22.93 -18.51
CA ASN C 143 -19.97 22.33 -19.69
C ASN C 143 -18.47 22.11 -19.50
N LYS C 144 -17.79 22.98 -18.75
CA LYS C 144 -16.35 22.79 -18.55
C LYS C 144 -16.04 21.60 -17.65
N VAL C 145 -16.85 21.35 -16.62
CA VAL C 145 -16.56 20.21 -15.74
C VAL C 145 -17.09 18.89 -16.29
N VAL C 146 -18.03 18.92 -17.24
CA VAL C 146 -18.51 17.72 -17.91
C VAL C 146 -17.58 17.30 -19.05
N GLN C 147 -16.86 18.27 -19.63
CA GLN C 147 -16.04 18.03 -20.82
C GLN C 147 -15.06 16.86 -20.69
N PRO C 148 -14.28 16.73 -19.61
CA PRO C 148 -13.38 15.56 -19.52
C PRO C 148 -14.12 14.24 -19.61
N ALA C 149 -15.25 14.13 -18.92
CA ALA C 149 -16.05 12.92 -19.01
C ALA C 149 -16.60 12.72 -20.42
N PHE C 150 -17.09 13.80 -21.05
CA PHE C 150 -17.60 13.69 -22.41
C PHE C 150 -16.56 13.07 -23.35
N LYS C 151 -15.32 13.56 -23.26
CA LYS C 151 -14.26 13.04 -24.13
C LYS C 151 -13.98 11.57 -23.85
N LEU C 152 -13.94 11.18 -22.57
CA LEU C 152 -13.74 9.79 -22.23
C LEU C 152 -14.85 8.92 -22.78
N ALA C 153 -16.10 9.39 -22.74
CA ALA C 153 -17.19 8.60 -23.30
C ALA C 153 -17.10 8.53 -24.81
N ARG C 154 -16.83 9.66 -25.47
CA ARG C 154 -16.79 9.71 -26.93
C ARG C 154 -15.61 8.92 -27.48
N ASP C 155 -14.41 9.19 -26.96
CA ASP C 155 -13.21 8.59 -27.52
C ASP C 155 -12.88 7.24 -26.92
N GLY C 156 -13.42 6.93 -25.74
CA GLY C 156 -13.17 5.65 -25.11
C GLY C 156 -11.91 5.69 -24.25
N PHE C 157 -11.76 4.63 -23.46
CA PHE C 157 -10.61 4.47 -22.59
C PHE C 157 -10.30 2.98 -22.47
N ILE C 158 -9.11 2.68 -21.98
CA ILE C 158 -8.64 1.30 -21.87
C ILE C 158 -9.23 0.65 -20.62
N VAL C 159 -9.85 -0.52 -20.79
CA VAL C 159 -10.38 -1.28 -19.66
C VAL C 159 -9.21 -1.80 -18.82
N ASN C 160 -9.25 -1.50 -17.51
CA ASN C 160 -8.15 -1.90 -16.62
C ASN C 160 -8.52 -3.17 -15.85
N ASP C 161 -7.74 -3.49 -14.82
CA ASP C 161 -8.01 -4.70 -14.04
C ASP C 161 -9.30 -4.58 -13.26
N ALA C 162 -9.51 -3.46 -12.56
CA ALA C 162 -10.70 -3.28 -11.75
C ALA C 162 -11.96 -3.47 -12.59
N LEU C 163 -12.02 -2.80 -13.73
CA LEU C 163 -13.22 -2.81 -14.56
C LEU C 163 -13.41 -4.16 -15.24
N ALA C 164 -12.32 -4.74 -15.74
CA ALA C 164 -12.42 -6.07 -16.36
C ALA C 164 -12.92 -7.11 -15.36
N ASP C 165 -12.39 -7.10 -14.15
CA ASP C 165 -12.81 -8.07 -13.14
C ASP C 165 -14.25 -7.85 -12.72
N ASP C 166 -14.66 -6.59 -12.54
CA ASP C 166 -16.05 -6.33 -12.18
C ASP C 166 -17.00 -6.73 -13.30
N LEU C 167 -16.65 -6.41 -14.55
CA LEU C 167 -17.51 -6.79 -15.67
C LEU C 167 -17.70 -8.29 -15.72
N LYS C 168 -16.63 -9.06 -15.47
CA LYS C 168 -16.74 -10.51 -15.51
C LYS C 168 -17.49 -11.07 -14.30
N THR C 169 -17.17 -10.59 -13.12
CA THR C 169 -17.74 -11.15 -11.90
C THR C 169 -19.18 -10.68 -11.66
N TYR C 170 -19.40 -9.37 -11.68
CA TYR C 170 -20.72 -8.84 -11.41
C TYR C 170 -21.51 -8.50 -12.66
N GLY C 171 -20.85 -7.96 -13.68
CA GLY C 171 -21.56 -7.60 -14.89
C GLY C 171 -22.21 -8.79 -15.56
N SER C 172 -21.57 -9.96 -15.47
CA SER C 172 -22.10 -11.15 -16.14
C SER C 172 -23.49 -11.51 -15.63
N GLU C 173 -23.82 -11.10 -14.42
CA GLU C 173 -25.10 -11.48 -13.84
C GLU C 173 -26.24 -10.61 -14.35
N VAL C 174 -25.95 -9.43 -14.90
CA VAL C 174 -27.04 -8.52 -15.27
C VAL C 174 -26.87 -7.89 -16.65
N LEU C 175 -25.64 -7.46 -16.97
CA LEU C 175 -25.44 -6.66 -18.18
C LEU C 175 -25.83 -7.39 -19.46
N PRO C 176 -25.47 -8.66 -19.69
CA PRO C 176 -25.91 -9.31 -20.93
C PRO C 176 -27.40 -9.60 -20.99
N ASN C 177 -28.16 -9.39 -19.91
CA ASN C 177 -29.57 -9.72 -19.94
C ASN C 177 -30.41 -8.64 -20.59
N HIS C 178 -29.80 -7.53 -20.97
CA HIS C 178 -30.52 -6.37 -21.52
C HIS C 178 -29.83 -5.91 -22.78
N GLU C 179 -30.61 -5.77 -23.87
CA GLU C 179 -29.98 -5.59 -25.17
C GLU C 179 -29.16 -4.31 -25.24
N ASN C 180 -29.64 -3.23 -24.61
CA ASN C 180 -28.88 -1.99 -24.68
C ASN C 180 -27.62 -2.04 -23.82
N SER C 181 -27.71 -2.66 -22.65
CA SER C 181 -26.51 -2.85 -21.83
C SER C 181 -25.50 -3.74 -22.54
N LYS C 182 -25.99 -4.84 -23.13
CA LYS C 182 -25.09 -5.78 -23.79
C LYS C 182 -24.36 -5.10 -24.95
N ALA C 183 -25.05 -4.21 -25.66
CA ALA C 183 -24.42 -3.55 -26.81
C ALA C 183 -23.22 -2.71 -26.39
N ILE C 184 -23.20 -2.23 -25.16
CA ILE C 184 -22.15 -1.34 -24.69
C ILE C 184 -21.02 -2.11 -24.04
N PHE C 185 -21.34 -3.03 -23.12
CA PHE C 185 -20.34 -3.61 -22.22
C PHE C 185 -19.92 -5.02 -22.59
N TRP C 186 -20.64 -5.68 -23.49
CA TRP C 186 -20.31 -7.00 -23.98
C TRP C 186 -19.79 -6.90 -25.41
N LYS C 187 -18.93 -7.85 -25.79
CA LYS C 187 -18.41 -7.88 -27.15
C LYS C 187 -18.19 -9.33 -27.52
N GLU C 188 -18.89 -9.80 -28.54
CA GLU C 188 -18.78 -11.17 -29.00
C GLU C 188 -19.14 -12.18 -27.91
N GLY C 189 -20.24 -11.90 -27.22
CA GLY C 189 -20.76 -12.79 -26.20
C GLY C 189 -19.97 -12.84 -24.92
N GLU C 190 -18.99 -11.97 -24.75
CA GLU C 190 -18.14 -11.95 -23.58
C GLU C 190 -18.00 -10.51 -23.09
N PRO C 191 -17.77 -10.32 -21.79
CA PRO C 191 -17.49 -8.97 -21.31
C PRO C 191 -16.22 -8.45 -21.93
N LEU C 192 -16.18 -7.12 -22.12
CA LEU C 192 -14.93 -6.46 -22.45
C LEU C 192 -13.87 -6.91 -21.46
N LYS C 193 -12.64 -7.06 -21.95
CA LYS C 193 -11.55 -7.54 -21.13
C LYS C 193 -10.47 -6.47 -21.02
N LYS C 194 -9.52 -6.72 -20.11
CA LYS C 194 -8.43 -5.79 -19.89
C LYS C 194 -7.65 -5.56 -21.19
N GLY C 195 -7.39 -4.28 -21.50
CA GLY C 195 -6.73 -3.89 -22.72
C GLY C 195 -7.69 -3.49 -23.82
N ASP C 196 -8.93 -3.99 -23.79
CA ASP C 196 -9.94 -3.52 -24.72
C ASP C 196 -10.24 -2.04 -24.48
N THR C 197 -10.85 -1.41 -25.47
CA THR C 197 -11.27 -0.02 -25.38
C THR C 197 -12.79 0.01 -25.18
N LEU C 198 -13.24 0.70 -24.15
CA LEU C 198 -14.67 0.90 -23.90
C LEU C 198 -15.08 2.27 -24.41
N VAL C 199 -15.85 2.28 -25.49
CA VAL C 199 -16.43 3.49 -26.06
C VAL C 199 -17.89 3.53 -25.64
N GLN C 200 -18.37 4.71 -25.24
CA GLN C 200 -19.76 4.87 -24.79
C GLN C 200 -20.37 6.05 -25.53
N ALA C 201 -20.74 5.80 -26.79
CA ALA C 201 -21.19 6.88 -27.66
C ALA C 201 -22.55 7.43 -27.21
N ASN C 202 -23.43 6.55 -26.75
CA ASN C 202 -24.72 7.01 -26.26
C ASN C 202 -24.56 7.88 -25.01
N LEU C 203 -23.73 7.43 -24.07
CA LEU C 203 -23.45 8.24 -22.89
C LEU C 203 -22.81 9.56 -23.25
N ALA C 204 -21.92 9.55 -24.25
CA ALA C 204 -21.32 10.79 -24.71
C ALA C 204 -22.38 11.77 -25.19
N LYS C 205 -23.37 11.28 -25.96
CA LYS C 205 -24.44 12.15 -26.40
C LYS C 205 -25.21 12.72 -25.22
N SER C 206 -25.51 11.88 -24.23
CA SER C 206 -26.20 12.35 -23.03
C SER C 206 -25.38 13.42 -22.32
N LEU C 207 -24.07 13.19 -22.15
CA LEU C 207 -23.20 14.18 -21.53
C LEU C 207 -23.12 15.45 -22.36
N GLU C 208 -23.03 15.32 -23.69
CA GLU C 208 -23.01 16.50 -24.55
C GLU C 208 -24.25 17.35 -24.36
N MET C 209 -25.42 16.70 -24.23
CA MET C 209 -26.67 17.45 -24.09
C MET C 209 -26.80 18.09 -22.71
N ILE C 210 -26.31 17.41 -21.66
CA ILE C 210 -26.27 18.01 -20.33
C ILE C 210 -25.35 19.23 -20.32
N ALA C 211 -24.21 19.14 -21.00
CA ALA C 211 -23.30 20.29 -21.05
C ALA C 211 -23.96 21.46 -21.77
N GLU C 212 -24.72 21.18 -22.82
CA GLU C 212 -25.34 22.24 -23.62
C GLU C 212 -26.64 22.75 -23.00
N ASN C 213 -27.49 21.86 -22.49
CA ASN C 213 -28.83 22.23 -22.02
C ASN C 213 -28.93 22.38 -20.51
N GLY C 214 -27.91 21.97 -19.76
CA GLY C 214 -27.98 22.00 -18.32
C GLY C 214 -28.62 20.74 -17.78
N PRO C 215 -28.80 20.69 -16.47
CA PRO C 215 -29.38 19.49 -15.84
C PRO C 215 -30.82 19.20 -16.29
N ASP C 216 -31.54 20.19 -16.83
CA ASP C 216 -32.87 19.93 -17.37
C ASP C 216 -32.85 18.90 -18.50
N GLU C 217 -31.71 18.71 -19.16
CA GLU C 217 -31.62 17.66 -20.17
C GLU C 217 -31.92 16.31 -19.55
N PHE C 218 -31.37 16.06 -18.36
CA PHE C 218 -31.59 14.80 -17.66
C PHE C 218 -33.01 14.70 -17.11
N TYR C 219 -33.56 15.80 -16.58
CA TYR C 219 -34.82 15.73 -15.83
C TYR C 219 -36.03 16.11 -16.66
N LYS C 220 -35.84 16.74 -17.81
CA LYS C 220 -36.96 17.13 -18.65
C LYS C 220 -36.77 16.86 -20.13
N GLY C 221 -35.56 16.63 -20.59
CA GLY C 221 -35.27 16.53 -22.00
C GLY C 221 -35.25 15.11 -22.53
N THR C 222 -34.45 14.90 -23.57
CA THR C 222 -34.40 13.59 -24.20
C THR C 222 -34.00 12.49 -23.21
N ILE C 223 -33.03 12.77 -22.34
CA ILE C 223 -32.65 11.74 -21.37
C ILE C 223 -33.85 11.35 -20.53
N ALA C 224 -34.60 12.35 -20.04
CA ALA C 224 -35.77 12.05 -19.22
C ALA C 224 -36.76 11.16 -19.96
N GLU C 225 -37.01 11.46 -21.23
CA GLU C 225 -37.93 10.65 -22.02
C GLU C 225 -37.39 9.24 -22.21
N GLN C 226 -36.07 9.11 -22.40
CA GLN C 226 -35.50 7.78 -22.61
C GLN C 226 -35.63 6.94 -21.35
N ILE C 227 -35.52 7.57 -20.17
CA ILE C 227 -35.73 6.85 -18.91
C ILE C 227 -37.19 6.43 -18.77
N ALA C 228 -38.12 7.38 -18.96
CA ALA C 228 -39.54 7.05 -18.82
C ALA C 228 -39.96 5.99 -19.83
N GLN C 229 -39.40 6.04 -21.03
CA GLN C 229 -39.77 5.08 -22.06
C GLN C 229 -39.25 3.69 -21.71
N GLU C 230 -37.98 3.61 -21.29
CA GLU C 230 -37.44 2.34 -20.83
C GLU C 230 -38.32 1.75 -19.73
N MET C 231 -38.75 2.59 -18.79
CA MET C 231 -39.60 2.12 -17.69
C MET C 231 -40.97 1.70 -18.19
N GLN C 232 -41.61 2.53 -19.02
CA GLN C 232 -42.95 2.20 -19.49
C GLN C 232 -42.96 0.87 -20.22
N LYS C 233 -42.01 0.68 -21.13
CA LYS C 233 -41.93 -0.52 -21.96
C LYS C 233 -41.72 -1.78 -21.14
N ASN C 234 -41.15 -1.67 -19.94
CA ASN C 234 -40.75 -2.84 -19.15
C ASN C 234 -41.40 -2.91 -17.78
N GLY C 235 -42.50 -2.20 -17.56
CA GLY C 235 -43.21 -2.30 -16.31
C GLY C 235 -42.53 -1.63 -15.13
N GLY C 236 -41.60 -0.70 -15.38
CA GLY C 236 -41.08 0.14 -14.31
C GLY C 236 -41.96 1.36 -14.09
N LEU C 237 -41.62 2.15 -13.07
CA LEU C 237 -42.52 3.20 -12.59
C LEU C 237 -42.03 4.64 -12.82
N ILE C 238 -40.74 4.86 -13.04
CA ILE C 238 -40.26 6.24 -13.18
C ILE C 238 -40.86 6.89 -14.42
N THR C 239 -41.50 8.04 -14.23
CA THR C 239 -42.15 8.81 -15.29
C THR C 239 -41.44 10.14 -15.48
N LYS C 240 -41.78 10.84 -16.58
CA LYS C 240 -41.30 12.20 -16.71
C LYS C 240 -41.77 13.06 -15.54
N GLU C 241 -42.96 12.77 -15.00
CA GLU C 241 -43.44 13.57 -13.86
C GLU C 241 -42.53 13.37 -12.65
N ASP C 242 -42.10 12.13 -12.40
CA ASP C 242 -41.13 11.86 -11.34
C ASP C 242 -39.85 12.67 -11.57
N LEU C 243 -39.34 12.64 -12.81
CA LEU C 243 -38.06 13.31 -13.08
C LEU C 243 -38.19 14.82 -12.93
N ALA C 244 -39.33 15.40 -13.38
CA ALA C 244 -39.51 16.84 -13.23
C ALA C 244 -39.68 17.25 -11.79
N ALA C 245 -40.16 16.35 -10.95
CA ALA C 245 -40.38 16.62 -9.54
C ALA C 245 -39.14 16.38 -8.70
N TYR C 246 -38.10 15.73 -9.24
CA TYR C 246 -36.93 15.42 -8.44
C TYR C 246 -36.27 16.71 -7.94
N LYS C 247 -35.83 16.71 -6.68
CA LYS C 247 -35.04 17.82 -6.18
C LYS C 247 -33.90 17.28 -5.32
N ALA C 248 -32.70 17.79 -5.57
CA ALA C 248 -31.64 17.67 -4.58
C ALA C 248 -31.95 18.63 -3.43
N VAL C 249 -31.60 18.22 -2.22
CA VAL C 249 -31.99 18.95 -1.00
C VAL C 249 -30.73 19.27 -0.21
N GLU C 250 -30.50 20.57 0.04
CA GLU C 250 -29.42 20.95 0.93
C GLU C 250 -29.89 20.77 2.38
N ARG C 251 -29.07 20.12 3.20
CA ARG C 251 -29.45 19.78 4.56
C ARG C 251 -28.31 20.15 5.51
N THR C 252 -28.67 20.33 6.78
CA THR C 252 -27.67 20.64 7.81
C THR C 252 -26.89 19.37 8.18
N PRO C 253 -25.56 19.39 8.09
CA PRO C 253 -24.77 18.20 8.46
C PRO C 253 -25.02 17.79 9.90
N ILE C 254 -24.88 16.49 10.16
CA ILE C 254 -24.75 16.00 11.53
C ILE C 254 -23.37 16.41 12.01
N SER C 255 -23.28 16.92 13.24
CA SER C 255 -21.98 17.26 13.80
C SER C 255 -21.92 16.78 15.24
N GLY C 256 -20.78 16.17 15.59
CA GLY C 256 -20.53 15.75 16.95
C GLY C 256 -19.15 16.18 17.38
N ASP C 257 -18.95 16.25 18.69
CA ASP C 257 -17.63 16.54 19.26
C ASP C 257 -17.05 15.25 19.81
N TYR C 258 -15.80 14.96 19.45
CA TYR C 258 -15.12 13.76 19.93
C TYR C 258 -13.71 14.17 20.34
N ARG C 259 -13.49 14.28 21.65
CA ARG C 259 -12.18 14.62 22.22
C ARG C 259 -11.62 15.91 21.63
N GLY C 260 -12.47 16.91 21.45
CA GLY C 260 -12.04 18.19 20.95
C GLY C 260 -12.05 18.32 19.43
N TYR C 261 -12.29 17.24 18.71
CA TYR C 261 -12.46 17.29 17.26
C TYR C 261 -13.95 17.38 16.92
N GLN C 262 -14.27 18.11 15.86
CA GLN C 262 -15.64 18.17 15.37
C GLN C 262 -15.78 17.25 14.17
N VAL C 263 -16.74 16.33 14.25
CA VAL C 263 -16.99 15.35 13.20
C VAL C 263 -18.28 15.74 12.48
N TYR C 264 -18.17 16.03 11.19
CA TYR C 264 -19.31 16.40 10.35
C TYR C 264 -19.60 15.26 9.40
N SER C 265 -20.87 14.88 9.27
CA SER C 265 -21.19 13.78 8.37
C SER C 265 -22.63 13.96 7.87
N MET C 266 -23.08 12.99 7.07
CA MET C 266 -24.33 13.14 6.34
C MET C 266 -25.54 12.89 7.24
N PRO C 267 -26.52 13.80 7.24
CA PRO C 267 -27.74 13.58 8.01
C PRO C 267 -28.70 12.68 7.26
N PRO C 268 -29.85 12.34 7.86
CA PRO C 268 -30.91 11.66 7.12
C PRO C 268 -31.23 12.39 5.82
N PRO C 269 -31.49 11.67 4.71
CA PRO C 269 -31.79 10.24 4.54
C PRO C 269 -30.59 9.30 4.64
N SER C 270 -29.42 9.78 5.04
CA SER C 270 -28.38 8.84 5.42
C SER C 270 -28.50 8.54 6.90
N SER C 271 -28.21 7.29 7.25
CA SER C 271 -28.03 6.91 8.64
C SER C 271 -26.59 7.08 9.09
N GLY C 272 -25.67 7.36 8.17
CA GLY C 272 -24.25 7.34 8.50
C GLY C 272 -23.83 8.33 9.56
N GLY C 273 -24.11 9.62 9.31
CA GLY C 273 -23.67 10.65 10.24
C GLY C 273 -24.14 10.43 11.66
N ILE C 274 -25.42 10.10 11.83
CA ILE C 274 -25.98 9.91 13.17
C ILE C 274 -25.25 8.80 13.91
N HIS C 275 -25.13 7.62 13.28
CA HIS C 275 -24.53 6.50 14.01
C HIS C 275 -23.02 6.64 14.16
N ILE C 276 -22.33 7.32 13.25
CA ILE C 276 -20.91 7.58 13.49
C ILE C 276 -20.73 8.46 14.73
N VAL C 277 -21.53 9.53 14.82
CA VAL C 277 -21.45 10.41 15.97
C VAL C 277 -21.93 9.70 17.22
N GLN C 278 -22.99 8.89 17.10
CA GLN C 278 -23.50 8.16 18.26
C GLN C 278 -22.46 7.19 18.80
N ILE C 279 -21.85 6.39 17.93
CA ILE C 279 -20.84 5.45 18.41
C ILE C 279 -19.63 6.18 18.96
N LEU C 280 -19.23 7.28 18.31
CA LEU C 280 -18.14 8.09 18.84
C LEU C 280 -18.47 8.62 20.23
N ASN C 281 -19.70 9.13 20.42
CA ASN C 281 -20.12 9.56 21.75
C ASN C 281 -19.97 8.41 22.75
N ILE C 282 -20.37 7.20 22.36
CA ILE C 282 -20.23 6.04 23.24
C ILE C 282 -18.76 5.79 23.54
N LEU C 283 -17.93 5.75 22.50
CA LEU C 283 -16.50 5.46 22.69
C LEU C 283 -15.79 6.53 23.51
N GLU C 284 -16.28 7.77 23.47
CA GLU C 284 -15.60 8.85 24.20
C GLU C 284 -15.49 8.54 25.69
N ASN C 285 -16.39 7.71 26.21
CA ASN C 285 -16.37 7.32 27.61
C ASN C 285 -15.26 6.32 27.94
N PHE C 286 -14.53 5.82 26.94
CA PHE C 286 -13.49 4.84 27.16
C PHE C 286 -12.14 5.43 26.71
N ASP C 287 -11.07 4.97 27.34
CA ASP C 287 -9.72 5.41 26.99
C ASP C 287 -9.22 4.56 25.82
N MET C 288 -9.79 4.84 24.64
CA MET C 288 -9.45 4.06 23.46
C MET C 288 -7.96 4.04 23.19
N LYS C 289 -7.28 5.18 23.42
CA LYS C 289 -5.85 5.30 23.16
C LYS C 289 -5.06 4.27 23.97
N LYS C 290 -5.42 4.07 25.23
CA LYS C 290 -4.68 3.13 26.07
C LYS C 290 -4.88 1.69 25.59
N TYR C 291 -6.10 1.32 25.22
CA TYR C 291 -6.35 -0.01 24.68
C TYR C 291 -5.50 -0.25 23.44
N GLY C 292 -5.55 0.66 22.48
CA GLY C 292 -4.70 0.59 21.32
C GLY C 292 -5.32 -0.20 20.17
N PHE C 293 -4.88 0.14 18.96
CA PHE C 293 -5.39 -0.54 17.78
C PHE C 293 -5.17 -2.04 17.89
N GLY C 294 -6.15 -2.81 17.42
CA GLY C 294 -6.00 -4.25 17.33
C GLY C 294 -5.95 -4.99 18.65
N SER C 295 -6.26 -4.32 19.76
CA SER C 295 -6.41 -4.97 21.06
C SER C 295 -7.80 -5.56 21.20
N ALA C 296 -7.89 -6.68 21.92
CA ALA C 296 -9.20 -7.28 22.15
C ALA C 296 -10.14 -6.32 22.87
N ASP C 297 -9.59 -5.48 23.75
CA ASP C 297 -10.44 -4.55 24.51
C ASP C 297 -11.06 -3.49 23.60
N ALA C 298 -10.23 -2.84 22.79
CA ALA C 298 -10.74 -1.83 21.86
C ALA C 298 -11.78 -2.42 20.91
N MET C 299 -11.53 -3.62 20.39
CA MET C 299 -12.48 -4.23 19.47
C MET C 299 -13.77 -4.61 20.18
N GLN C 300 -13.66 -5.12 21.42
CA GLN C 300 -14.85 -5.47 22.20
C GLN C 300 -15.75 -4.27 22.40
N ILE C 301 -15.19 -3.16 22.87
CA ILE C 301 -15.98 -1.97 23.12
C ILE C 301 -16.66 -1.48 21.85
N MET C 302 -15.92 -1.43 20.75
CA MET C 302 -16.48 -0.91 19.51
C MET C 302 -17.53 -1.83 18.94
N ALA C 303 -17.28 -3.14 18.96
CA ALA C 303 -18.29 -4.08 18.49
C ALA C 303 -19.57 -3.94 19.30
N GLU C 304 -19.45 -3.81 20.61
CA GLU C 304 -20.63 -3.68 21.47
C GLU C 304 -21.35 -2.37 21.19
N ALA C 305 -20.61 -1.27 21.11
CA ALA C 305 -21.22 0.02 20.80
C ALA C 305 -21.96 -0.03 19.48
N GLU C 306 -21.37 -0.68 18.48
CA GLU C 306 -22.00 -0.75 17.16
C GLU C 306 -23.35 -1.44 17.21
N LYS C 307 -23.48 -2.48 18.06
CA LYS C 307 -24.73 -3.21 18.18
C LYS C 307 -25.91 -2.28 18.49
N TYR C 308 -25.73 -1.40 19.47
CA TYR C 308 -26.81 -0.50 19.86
C TYR C 308 -27.16 0.47 18.74
N ALA C 309 -26.15 0.94 18.01
CA ALA C 309 -26.40 1.92 16.96
C ALA C 309 -27.19 1.31 15.81
N TYR C 310 -26.83 0.08 15.42
CA TYR C 310 -27.55 -0.58 14.34
C TYR C 310 -28.95 -1.00 14.76
N ALA C 311 -29.13 -1.33 16.05
CA ALA C 311 -30.47 -1.56 16.58
C ALA C 311 -31.31 -0.29 16.45
N ASP C 312 -30.77 0.85 16.89
CA ASP C 312 -31.48 2.12 16.71
C ASP C 312 -31.74 2.41 15.25
N ARG C 313 -30.77 2.12 14.38
CA ARG C 313 -30.92 2.37 12.95
C ARG C 313 -32.17 1.70 12.40
N SER C 314 -32.44 0.46 12.81
CA SER C 314 -33.57 -0.29 12.27
C SER C 314 -34.91 0.32 12.66
N GLU C 315 -34.96 1.10 13.73
CA GLU C 315 -36.20 1.69 14.23
C GLU C 315 -36.38 3.15 13.89
N TYR C 316 -35.35 3.97 14.04
CA TYR C 316 -35.52 5.43 14.06
C TYR C 316 -35.13 6.14 12.78
N LEU C 317 -34.50 5.46 11.84
CA LEU C 317 -33.91 6.12 10.69
C LEU C 317 -34.77 5.96 9.44
N GLY C 318 -35.00 7.08 8.76
CA GLY C 318 -35.72 7.08 7.51
C GLY C 318 -35.61 8.46 6.91
N ASP C 319 -36.31 8.65 5.80
CA ASP C 319 -36.33 9.95 5.12
C ASP C 319 -36.91 11.00 6.08
N PRO C 320 -36.14 12.02 6.45
CA PRO C 320 -36.63 12.97 7.47
C PRO C 320 -37.77 13.82 6.99
N ASP C 321 -38.03 13.85 5.68
CA ASP C 321 -39.17 14.57 5.14
C ASP C 321 -40.47 13.81 5.34
N PHE C 322 -40.42 12.53 5.68
CA PHE C 322 -41.60 11.73 5.88
C PHE C 322 -41.77 11.28 7.32
N VAL C 323 -40.69 11.12 8.07
CA VAL C 323 -40.76 10.69 9.46
C VAL C 323 -39.88 11.63 10.28
N LYS C 324 -40.31 11.89 11.51
CA LYS C 324 -39.51 12.68 12.42
C LYS C 324 -38.39 11.79 12.93
N VAL C 325 -37.16 12.09 12.54
CA VAL C 325 -35.99 11.32 12.99
C VAL C 325 -35.52 11.94 14.31
N PRO C 326 -35.45 11.17 15.39
CA PRO C 326 -34.98 11.73 16.67
C PRO C 326 -33.47 11.90 16.69
N TRP C 327 -32.94 12.76 15.80
CA TRP C 327 -31.50 12.84 15.63
C TRP C 327 -30.82 13.43 16.86
N GLN C 328 -31.50 14.35 17.55
CA GLN C 328 -30.91 14.98 18.73
C GLN C 328 -30.74 13.96 19.85
N ALA C 329 -31.77 13.15 20.10
CA ALA C 329 -31.65 12.11 21.12
C ALA C 329 -30.58 11.09 20.76
N LEU C 330 -30.53 10.67 19.48
CA LEU C 330 -29.57 9.65 19.07
C LEU C 330 -28.14 10.14 19.21
N THR C 331 -27.90 11.43 19.01
CA THR C 331 -26.58 12.03 19.13
C THR C 331 -26.35 12.67 20.48
N ASN C 332 -27.27 12.48 21.42
CA ASN C 332 -27.14 13.06 22.75
C ASN C 332 -26.11 12.29 23.56
N LYS C 333 -25.19 13.01 24.22
CA LYS C 333 -24.09 12.35 24.92
C LYS C 333 -24.56 11.64 26.18
N ALA C 334 -25.62 12.13 26.83
CA ALA C 334 -26.17 11.40 27.97
C ALA C 334 -26.75 10.07 27.52
N TYR C 335 -27.43 10.06 26.37
CA TYR C 335 -27.91 8.79 25.84
C TYR C 335 -26.74 7.85 25.54
N ALA C 336 -25.66 8.39 24.99
CA ALA C 336 -24.49 7.55 24.71
C ALA C 336 -23.91 7.00 26.01
N LYS C 337 -23.86 7.83 27.06
CA LYS C 337 -23.37 7.37 28.37
C LYS C 337 -24.23 6.22 28.90
N SER C 338 -25.55 6.29 28.69
CA SER C 338 -26.41 5.22 29.17
C SER C 338 -26.10 3.92 28.46
N ILE C 339 -25.64 4.01 27.21
CA ILE C 339 -25.23 2.81 26.46
C ILE C 339 -23.86 2.35 26.92
N ALA C 340 -22.92 3.28 27.09
CA ALA C 340 -21.57 2.92 27.52
C ALA C 340 -21.58 2.12 28.81
N ASP C 341 -22.50 2.45 29.72
CA ASP C 341 -22.55 1.76 31.02
C ASP C 341 -23.03 0.33 30.88
N GLN C 342 -23.81 0.01 29.84
CA GLN C 342 -24.26 -1.36 29.63
C GLN C 342 -23.16 -2.24 29.04
N ILE C 343 -22.08 -1.66 28.53
CA ILE C 343 -21.05 -2.40 27.82
C ILE C 343 -20.12 -3.08 28.83
N ASP C 344 -20.06 -4.41 28.76
CA ASP C 344 -19.18 -5.21 29.60
C ASP C 344 -17.93 -5.56 28.80
N ILE C 345 -16.77 -5.05 29.23
CA ILE C 345 -15.55 -5.25 28.46
C ILE C 345 -15.14 -6.71 28.40
N ASN C 346 -15.71 -7.56 29.26
CA ASN C 346 -15.34 -8.96 29.31
C ASN C 346 -16.46 -9.88 28.85
N LYS C 347 -17.61 -9.35 28.46
CA LYS C 347 -18.72 -10.21 28.02
C LYS C 347 -19.58 -9.47 27.02
N ALA C 348 -19.66 -10.01 25.80
CA ALA C 348 -20.51 -9.45 24.76
C ALA C 348 -21.97 -9.72 25.08
N LYS C 349 -22.83 -8.74 24.75
CA LYS C 349 -24.27 -8.88 24.90
C LYS C 349 -24.86 -9.38 23.59
N PRO C 350 -25.50 -10.55 23.58
CA PRO C 350 -26.08 -11.06 22.33
C PRO C 350 -27.08 -10.07 21.74
N SER C 351 -27.09 -9.97 20.41
CA SER C 351 -28.01 -9.05 19.75
C SER C 351 -29.46 -9.33 20.13
N SER C 352 -29.78 -10.60 20.43
CA SER C 352 -31.12 -10.97 20.86
C SER C 352 -31.55 -10.23 22.12
N GLU C 353 -30.60 -9.72 22.91
CA GLU C 353 -30.89 -8.96 24.12
C GLU C 353 -30.75 -7.47 23.90
N ILE C 354 -30.73 -7.01 22.65
CA ILE C 354 -30.55 -5.60 22.34
C ILE C 354 -31.69 -5.15 21.45
N ARG C 355 -32.38 -4.10 21.91
CA ARG C 355 -33.52 -3.49 21.26
C ARG C 355 -33.19 -2.04 20.99
N PRO C 356 -33.95 -1.37 20.12
CA PRO C 356 -33.79 0.08 19.99
C PRO C 356 -33.95 0.75 21.35
N GLY C 357 -33.09 1.74 21.61
CA GLY C 357 -33.12 2.42 22.90
C GLY C 357 -34.41 3.20 23.11
N LYS C 358 -34.66 3.52 24.37
CA LYS C 358 -35.77 4.40 24.76
C LYS C 358 -35.24 5.82 24.78
N LEU C 359 -35.72 6.65 23.85
CA LEU C 359 -35.17 7.99 23.68
C LEU C 359 -35.91 9.07 24.45
N ALA C 360 -37.11 8.77 24.98
CA ALA C 360 -37.89 9.76 25.72
C ALA C 360 -37.11 10.55 26.77
N PRO C 361 -36.32 9.92 27.65
CA PRO C 361 -35.58 10.73 28.64
C PRO C 361 -34.54 11.66 28.03
N TYR C 362 -34.30 11.59 26.73
CA TYR C 362 -33.35 12.47 26.06
C TYR C 362 -34.02 13.32 25.00
N GLU C 363 -35.34 13.31 24.92
CA GLU C 363 -36.10 14.14 23.99
C GLU C 363 -36.14 15.58 24.45
N THR D 1 -21.13 1.42 -5.06
CA THR D 1 -20.88 2.69 -4.37
C THR D 1 -19.41 3.07 -4.46
N THR D 2 -19.13 4.36 -4.49
CA THR D 2 -17.75 4.83 -4.54
C THR D 2 -17.65 6.19 -3.84
N HIS D 3 -16.52 6.36 -3.16
CA HIS D 3 -16.28 7.60 -2.45
C HIS D 3 -15.06 8.32 -3.00
N TYR D 4 -15.12 9.65 -3.08
CA TYR D 4 -13.92 10.39 -3.41
C TYR D 4 -13.85 11.68 -2.60
N SER D 5 -12.65 12.23 -2.50
CA SER D 5 -12.36 13.37 -1.63
C SER D 5 -11.51 14.38 -2.38
N VAL D 6 -11.75 15.67 -2.12
CA VAL D 6 -11.05 16.75 -2.79
C VAL D 6 -10.72 17.84 -1.79
N VAL D 7 -9.49 18.36 -1.84
CA VAL D 7 -9.12 19.59 -1.13
C VAL D 7 -8.37 20.49 -2.11
N ASP D 8 -8.77 21.75 -2.21
CA ASP D 8 -8.12 22.66 -3.14
C ASP D 8 -7.10 23.56 -2.44
N LYS D 9 -6.47 24.43 -3.23
CA LYS D 9 -5.37 25.26 -2.77
C LYS D 9 -5.80 26.29 -1.73
N ASP D 10 -7.10 26.62 -1.68
CA ASP D 10 -7.64 27.56 -0.71
C ASP D 10 -8.10 26.88 0.57
N GLY D 11 -8.04 25.55 0.63
CA GLY D 11 -8.49 24.83 1.80
C GLY D 11 -9.94 24.43 1.80
N ASN D 12 -10.66 24.65 0.71
CA ASN D 12 -11.99 24.12 0.54
C ASN D 12 -11.92 22.60 0.45
N ALA D 13 -12.91 21.91 1.02
CA ALA D 13 -12.94 20.46 1.04
C ALA D 13 -14.29 19.94 0.57
N VAL D 14 -14.28 18.80 -0.11
CA VAL D 14 -15.49 18.15 -0.60
C VAL D 14 -15.32 16.64 -0.45
N ALA D 15 -16.34 15.99 0.08
CA ALA D 15 -16.41 14.54 0.21
C ALA D 15 -17.69 14.07 -0.47
N VAL D 16 -17.57 13.17 -1.43
CA VAL D 16 -18.72 12.69 -2.19
C VAL D 16 -18.76 11.17 -2.10
N THR D 17 -19.89 10.62 -1.67
CA THR D 17 -20.14 9.19 -1.83
C THR D 17 -21.39 9.04 -2.68
N TYR D 18 -21.33 8.24 -3.76
CA TYR D 18 -22.52 8.07 -4.58
C TYR D 18 -22.47 6.71 -5.26
N THR D 19 -23.58 6.31 -5.87
CA THR D 19 -23.74 4.88 -6.07
C THR D 19 -24.94 4.55 -6.95
N LEU D 20 -24.85 3.38 -7.60
CA LEU D 20 -25.99 2.71 -8.23
C LEU D 20 -26.66 1.72 -7.28
N ASN D 21 -26.15 1.60 -6.06
CA ASN D 21 -26.36 0.55 -5.06
C ASN D 21 -25.44 -0.64 -5.39
N THR D 22 -25.96 -1.72 -5.94
CA THR D 22 -25.03 -2.83 -6.20
C THR D 22 -24.18 -2.53 -7.43
N THR D 23 -23.24 -3.43 -7.73
CA THR D 23 -22.29 -3.19 -8.81
C THR D 23 -23.02 -3.21 -10.16
N PHE D 24 -22.95 -2.09 -10.89
CA PHE D 24 -23.70 -1.81 -12.12
C PHE D 24 -25.19 -1.63 -11.84
N GLY D 25 -25.59 -1.55 -10.57
CA GLY D 25 -27.01 -1.43 -10.26
C GLY D 25 -27.80 -2.57 -10.85
N THR D 26 -28.95 -2.23 -11.47
CA THR D 26 -29.78 -3.23 -12.14
C THR D 26 -29.07 -3.82 -13.35
N GLY D 27 -28.06 -3.16 -13.86
CA GLY D 27 -27.48 -3.55 -15.12
C GLY D 27 -28.31 -3.17 -16.33
N ILE D 28 -29.37 -2.38 -16.13
CA ILE D 28 -30.26 -1.92 -17.20
C ILE D 28 -29.81 -0.53 -17.63
N VAL D 29 -29.45 -0.39 -18.89
CA VAL D 29 -29.22 0.94 -19.46
C VAL D 29 -30.57 1.54 -19.86
N ALA D 30 -30.73 2.84 -19.62
CA ALA D 30 -32.00 3.50 -19.93
C ALA D 30 -32.04 3.84 -21.41
N GLY D 31 -32.68 2.96 -22.20
CA GLY D 31 -32.88 3.24 -23.62
C GLY D 31 -31.57 3.51 -24.32
N GLU D 32 -31.56 4.52 -25.18
CA GLU D 32 -30.38 4.92 -25.93
C GLU D 32 -29.56 5.99 -25.21
N SER D 33 -29.75 6.17 -23.89
CA SER D 33 -29.02 7.20 -23.17
C SER D 33 -27.62 6.76 -22.75
N GLY D 34 -27.37 5.46 -22.70
CA GLY D 34 -26.10 4.97 -22.20
C GLY D 34 -25.96 4.95 -20.70
N ILE D 35 -27.01 5.28 -19.95
CA ILE D 35 -26.95 5.47 -18.50
C ILE D 35 -27.52 4.24 -17.79
N LEU D 36 -26.70 3.61 -16.95
CA LEU D 36 -27.13 2.48 -16.14
C LEU D 36 -28.07 2.93 -15.03
N LEU D 37 -29.09 2.13 -14.74
CA LEU D 37 -30.10 2.46 -13.74
C LEU D 37 -29.83 1.79 -12.40
N ASN D 38 -29.89 2.59 -11.33
CA ASN D 38 -29.69 2.14 -9.95
C ASN D 38 -30.71 1.06 -9.56
N ASN D 39 -30.33 0.26 -8.56
CA ASN D 39 -31.33 -0.53 -7.84
C ASN D 39 -31.41 -0.07 -6.40
N GLN D 40 -31.56 1.25 -6.20
CA GLN D 40 -31.61 1.82 -4.86
C GLN D 40 -32.84 1.41 -4.08
N MET D 41 -33.90 0.94 -4.74
CA MET D 41 -35.13 0.64 -4.02
C MET D 41 -34.96 -0.50 -3.02
N ASP D 42 -33.92 -1.32 -3.18
CA ASP D 42 -33.68 -2.37 -2.19
C ASP D 42 -33.22 -1.82 -0.84
N ASP D 43 -32.86 -0.54 -0.78
CA ASP D 43 -32.45 0.04 0.49
C ASP D 43 -33.65 0.40 1.39
N PHE D 44 -34.85 0.43 0.84
CA PHE D 44 -36.05 0.47 1.66
C PHE D 44 -36.18 -0.83 2.45
N SER D 45 -36.99 -0.81 3.50
CA SER D 45 -37.43 -2.05 4.12
C SER D 45 -38.62 -2.55 3.32
N ALA D 46 -38.47 -3.72 2.68
CA ALA D 46 -39.54 -4.25 1.83
C ALA D 46 -40.68 -4.80 2.68
N LYS D 47 -40.37 -5.23 3.91
CA LYS D 47 -41.33 -5.77 4.84
C LYS D 47 -40.66 -5.69 6.21
N PRO D 48 -41.37 -5.24 7.25
CA PRO D 48 -40.73 -5.06 8.56
C PRO D 48 -40.06 -6.33 9.05
N GLY D 49 -38.81 -6.20 9.48
CA GLY D 49 -38.07 -7.31 10.06
C GLY D 49 -37.35 -8.22 9.07
N VAL D 50 -37.50 -8.00 7.77
CA VAL D 50 -36.85 -8.82 6.75
C VAL D 50 -35.60 -8.09 6.26
N PRO D 51 -34.44 -8.73 6.23
CA PRO D 51 -33.21 -8.02 5.83
C PRO D 51 -33.10 -7.81 4.33
N ASN D 52 -32.40 -6.74 3.94
CA ASN D 52 -32.13 -6.48 2.54
C ASN D 52 -30.79 -7.13 2.18
N VAL D 53 -30.25 -6.76 1.02
CA VAL D 53 -29.05 -7.42 0.52
C VAL D 53 -27.85 -7.22 1.44
N TYR D 54 -27.83 -6.16 2.25
CA TYR D 54 -26.74 -5.92 3.19
C TYR D 54 -27.05 -6.42 4.60
N GLY D 55 -28.16 -7.13 4.77
CA GLY D 55 -28.57 -7.61 6.07
C GLY D 55 -29.19 -6.58 6.97
N LEU D 56 -29.56 -5.41 6.43
CA LEU D 56 -30.16 -4.35 7.22
C LEU D 56 -31.66 -4.54 7.26
N VAL D 57 -32.27 -4.14 8.38
CA VAL D 57 -33.70 -4.33 8.57
C VAL D 57 -34.34 -2.99 8.89
N GLY D 58 -35.65 -2.94 8.76
CA GLY D 58 -36.36 -1.73 9.10
C GLY D 58 -37.80 -1.98 9.49
N GLY D 59 -38.56 -0.89 9.49
CA GLY D 59 -39.95 -0.93 9.87
C GLY D 59 -40.70 0.19 9.16
N ASP D 60 -41.48 0.97 9.89
CA ASP D 60 -42.28 2.01 9.25
C ASP D 60 -41.41 3.17 8.77
N ALA D 61 -40.38 3.51 9.54
CA ALA D 61 -39.60 4.71 9.20
C ALA D 61 -39.02 4.61 7.79
N ASN D 62 -38.51 3.44 7.43
CA ASN D 62 -37.86 3.23 6.14
C ASN D 62 -38.69 2.31 5.23
N ALA D 63 -40.00 2.27 5.43
CA ALA D 63 -40.86 1.55 4.49
C ALA D 63 -40.86 2.24 3.14
N VAL D 64 -41.09 1.46 2.08
CA VAL D 64 -41.31 2.04 0.77
C VAL D 64 -42.52 2.98 0.83
N GLY D 65 -42.38 4.14 0.22
CA GLY D 65 -43.50 5.03 -0.01
C GLY D 65 -43.22 5.92 -1.19
N PRO D 66 -44.26 6.46 -1.80
CA PRO D 66 -44.07 7.32 -2.97
C PRO D 66 -43.26 8.56 -2.62
N ASN D 67 -42.31 8.89 -3.50
CA ASN D 67 -41.43 10.06 -3.42
C ASN D 67 -40.44 10.01 -2.27
N LYS D 68 -40.38 8.91 -1.54
CA LYS D 68 -39.53 8.81 -0.37
C LYS D 68 -38.10 8.45 -0.77
N ARG D 69 -37.14 8.98 -0.01
CA ARG D 69 -35.74 8.66 -0.23
C ARG D 69 -35.39 7.43 0.61
N PRO D 70 -34.95 6.32 0.01
CA PRO D 70 -34.63 5.15 0.83
C PRO D 70 -33.40 5.43 1.70
N LEU D 71 -33.43 4.90 2.93
CA LEU D 71 -32.34 5.11 3.88
C LEU D 71 -31.01 4.60 3.32
N SER D 72 -29.94 5.38 3.54
CA SER D 72 -28.61 5.06 3.04
C SER D 72 -27.65 4.86 4.22
N SER D 73 -26.55 4.15 3.97
CA SER D 73 -25.46 4.09 4.94
C SER D 73 -24.29 4.99 4.58
N MET D 74 -24.39 5.68 3.44
CA MET D 74 -23.24 6.42 2.93
C MET D 74 -22.88 7.57 3.85
N SER D 75 -21.59 7.75 4.09
CA SER D 75 -21.09 8.61 5.16
C SER D 75 -19.89 9.44 4.73
N PRO D 76 -20.03 10.30 3.71
CA PRO D 76 -18.98 11.30 3.47
C PRO D 76 -18.81 12.15 4.73
N THR D 77 -17.56 12.29 5.17
CA THR D 77 -17.27 12.78 6.50
C THR D 77 -16.06 13.70 6.47
N ILE D 78 -16.15 14.78 7.23
CA ILE D 78 -15.05 15.74 7.38
C ILE D 78 -14.85 15.96 8.85
N VAL D 79 -13.62 15.76 9.32
CA VAL D 79 -13.29 16.01 10.72
C VAL D 79 -12.55 17.34 10.77
N VAL D 80 -12.88 18.14 11.78
CA VAL D 80 -12.34 19.49 11.93
C VAL D 80 -11.56 19.54 13.24
N LYS D 81 -10.40 20.22 13.18
CA LYS D 81 -9.53 20.36 14.34
C LYS D 81 -9.14 21.83 14.43
N ASP D 82 -9.43 22.45 15.58
CA ASP D 82 -9.12 23.86 15.80
C ASP D 82 -9.76 24.74 14.72
N GLY D 83 -11.00 24.42 14.37
CA GLY D 83 -11.73 25.15 13.37
C GLY D 83 -11.27 24.95 11.93
N LYS D 84 -10.28 24.09 11.69
CA LYS D 84 -9.76 23.87 10.34
C LYS D 84 -10.01 22.43 9.92
N THR D 85 -10.39 22.27 8.64
CA THR D 85 -10.54 20.95 8.06
C THR D 85 -9.28 20.13 8.25
N TRP D 86 -9.44 18.92 8.77
CA TRP D 86 -8.33 18.07 9.17
C TRP D 86 -8.35 16.71 8.48
N LEU D 87 -9.52 16.08 8.33
CA LEU D 87 -9.60 14.78 7.68
C LEU D 87 -10.84 14.74 6.81
N VAL D 88 -10.66 14.34 5.56
CA VAL D 88 -11.77 14.17 4.61
C VAL D 88 -11.76 12.70 4.20
N THR D 89 -12.89 12.01 4.38
CA THR D 89 -12.89 10.57 4.17
C THR D 89 -14.31 10.08 3.89
N GLY D 90 -14.42 8.77 3.69
CA GLY D 90 -15.64 8.14 3.23
C GLY D 90 -15.28 6.80 2.59
N SER D 91 -16.32 6.00 2.34
CA SER D 91 -16.04 4.67 1.80
C SER D 91 -17.30 4.02 1.25
N PRO D 92 -17.18 3.07 0.31
CA PRO D 92 -18.32 2.18 0.05
C PRO D 92 -18.38 1.07 1.08
N GLY D 93 -19.39 0.21 0.97
CA GLY D 93 -19.46 -1.00 1.78
C GLY D 93 -20.83 -1.30 2.34
N GLY D 94 -21.88 -0.68 1.79
CA GLY D 94 -23.23 -0.90 2.29
C GLY D 94 -23.32 -0.64 3.78
N SER D 95 -23.83 -1.62 4.53
CA SER D 95 -23.91 -1.49 5.98
C SER D 95 -22.55 -1.24 6.62
N ARG D 96 -21.47 -1.70 5.99
CA ARG D 96 -20.15 -1.55 6.59
C ARG D 96 -19.58 -0.14 6.43
N ILE D 97 -20.21 0.73 5.64
CA ILE D 97 -19.70 2.10 5.50
C ILE D 97 -19.56 2.76 6.85
N ILE D 98 -20.60 2.64 7.69
CA ILE D 98 -20.61 3.31 8.99
C ILE D 98 -19.39 2.91 9.81
N THR D 99 -19.10 1.62 9.90
CA THR D 99 -17.98 1.19 10.72
C THR D 99 -16.62 1.45 10.06
N THR D 100 -16.55 1.39 8.73
CA THR D 100 -15.28 1.68 8.06
C THR D 100 -14.87 3.14 8.31
N VAL D 101 -15.80 4.07 8.13
CA VAL D 101 -15.49 5.47 8.39
C VAL D 101 -15.21 5.70 9.86
N LEU D 102 -16.02 5.11 10.74
CA LEU D 102 -15.75 5.17 12.18
C LEU D 102 -14.32 4.78 12.47
N GLN D 103 -13.85 3.68 11.87
CA GLN D 103 -12.49 3.23 12.11
C GLN D 103 -11.47 4.22 11.60
N MET D 104 -11.74 4.89 10.47
CA MET D 104 -10.83 5.93 10.00
C MET D 104 -10.70 7.04 11.04
N VAL D 105 -11.81 7.43 11.65
CA VAL D 105 -11.80 8.53 12.61
C VAL D 105 -11.08 8.10 13.89
N VAL D 106 -11.41 6.92 14.42
CA VAL D 106 -10.75 6.43 15.62
C VAL D 106 -9.25 6.23 15.39
N ASN D 107 -8.89 5.65 14.23
CA ASN D 107 -7.47 5.43 13.95
C ASN D 107 -6.72 6.75 13.93
N SER D 108 -7.36 7.80 13.42
CA SER D 108 -6.71 9.10 13.29
C SER D 108 -6.60 9.81 14.62
N ILE D 109 -7.72 9.88 15.36
CA ILE D 109 -7.76 10.65 16.60
C ILE D 109 -7.19 9.84 17.76
N ASP D 110 -7.69 8.63 17.97
CA ASP D 110 -7.30 7.87 19.15
C ASP D 110 -5.90 7.28 19.00
N TYR D 111 -5.60 6.65 17.87
CA TYR D 111 -4.33 5.96 17.73
C TYR D 111 -3.26 6.79 17.02
N GLY D 112 -3.58 8.02 16.63
CA GLY D 112 -2.57 8.90 16.06
C GLY D 112 -1.95 8.41 14.77
N LEU D 113 -2.70 7.60 14.02
CA LEU D 113 -2.20 7.05 12.75
C LEU D 113 -2.26 8.10 11.64
N ASN D 114 -1.24 8.13 10.80
CA ASN D 114 -1.34 9.02 9.65
C ASN D 114 -2.35 8.44 8.67
N VAL D 115 -2.72 9.22 7.66
CA VAL D 115 -3.88 8.83 6.88
C VAL D 115 -3.62 7.53 6.13
N ALA D 116 -2.38 7.25 5.74
CA ALA D 116 -2.07 5.99 5.09
C ALA D 116 -2.09 4.84 6.10
N GLU D 117 -1.48 5.04 7.27
CA GLU D 117 -1.55 4.03 8.32
C GLU D 117 -3.01 3.72 8.67
N ALA D 118 -3.84 4.75 8.82
CA ALA D 118 -5.24 4.55 9.16
C ALA D 118 -5.96 3.76 8.07
N THR D 119 -5.56 3.97 6.81
CA THR D 119 -6.22 3.32 5.67
C THR D 119 -5.82 1.86 5.55
N ASN D 120 -4.54 1.55 5.75
CA ASN D 120 -4.04 0.19 5.56
C ASN D 120 -4.27 -0.71 6.77
N ALA D 121 -4.73 -0.15 7.89
CA ALA D 121 -5.05 -0.94 9.07
C ALA D 121 -6.26 -1.85 8.79
N PRO D 122 -6.28 -3.04 9.39
CA PRO D 122 -7.40 -3.96 9.18
C PRO D 122 -8.67 -3.47 9.86
N ARG D 123 -9.81 -3.97 9.37
CA ARG D 123 -11.12 -3.49 9.75
C ARG D 123 -11.98 -4.60 10.34
N PHE D 124 -12.83 -4.24 11.30
CA PHE D 124 -13.82 -5.13 11.86
C PHE D 124 -15.17 -4.42 11.89
N HIS D 125 -16.23 -5.20 12.15
CA HIS D 125 -17.57 -4.70 11.90
C HIS D 125 -18.60 -5.57 12.60
N HIS D 126 -19.53 -4.92 13.30
CA HIS D 126 -20.68 -5.61 13.90
C HIS D 126 -21.90 -4.76 13.60
N GLN D 127 -22.90 -5.33 12.95
CA GLN D 127 -24.10 -4.59 12.57
C GLN D 127 -25.35 -5.09 13.27
N TRP D 128 -25.19 -5.61 14.49
CA TRP D 128 -26.29 -6.12 15.31
C TRP D 128 -26.87 -7.38 14.68
N LEU D 129 -27.50 -7.24 13.53
CA LEU D 129 -28.06 -8.39 12.83
C LEU D 129 -27.47 -8.45 11.42
N PRO D 130 -26.83 -9.57 11.06
CA PRO D 130 -26.64 -10.78 11.88
C PRO D 130 -25.68 -10.58 13.04
N ASP D 131 -25.83 -11.40 14.08
CA ASP D 131 -25.01 -11.28 15.28
C ASP D 131 -23.68 -11.97 15.06
N GLU D 132 -22.71 -11.22 14.51
CA GLU D 132 -21.37 -11.72 14.28
C GLU D 132 -20.43 -10.55 14.21
N LEU D 133 -19.22 -10.76 14.71
CA LEU D 133 -18.14 -9.77 14.64
C LEU D 133 -17.35 -10.09 13.37
N ARG D 134 -17.70 -9.40 12.28
CA ARG D 134 -17.01 -9.58 11.01
C ARG D 134 -15.62 -8.94 11.07
N VAL D 135 -14.61 -9.68 10.62
CA VAL D 135 -13.24 -9.17 10.58
C VAL D 135 -12.63 -9.45 9.21
N GLU D 136 -11.67 -8.61 8.85
CA GLU D 136 -10.76 -8.86 7.74
C GLU D 136 -9.57 -9.67 8.24
N LYS D 137 -8.82 -10.21 7.29
CA LYS D 137 -7.47 -10.66 7.59
C LYS D 137 -6.69 -9.54 8.26
N GLY D 138 -5.85 -9.92 9.21
CA GLY D 138 -4.86 -8.99 9.73
C GLY D 138 -4.82 -8.77 11.23
N PHE D 139 -5.77 -9.36 11.96
CA PHE D 139 -5.74 -9.28 13.43
C PHE D 139 -5.03 -10.49 13.99
N SER D 140 -4.36 -10.30 15.12
CA SER D 140 -3.52 -11.37 15.64
C SER D 140 -4.37 -12.54 16.14
N PRO D 141 -3.85 -13.77 16.04
CA PRO D 141 -4.58 -14.91 16.61
C PRO D 141 -4.78 -14.77 18.11
N ASP D 142 -3.84 -14.13 18.81
CA ASP D 142 -3.97 -13.91 20.24
C ASP D 142 -5.21 -13.07 20.53
N THR D 143 -5.43 -12.02 19.73
CA THR D 143 -6.55 -11.11 19.96
C THR D 143 -7.88 -11.78 19.63
N LEU D 144 -7.96 -12.46 18.49
CA LEU D 144 -9.18 -13.18 18.15
C LEU D 144 -9.53 -14.23 19.21
N LYS D 145 -8.52 -14.81 19.85
CA LYS D 145 -8.78 -15.76 20.93
C LYS D 145 -9.52 -15.08 22.08
N LEU D 146 -9.00 -13.94 22.53
CA LEU D 146 -9.65 -13.20 23.61
C LEU D 146 -11.07 -12.79 23.25
N LEU D 147 -11.25 -12.25 22.04
CA LEU D 147 -12.58 -11.80 21.62
C LEU D 147 -13.59 -12.94 21.67
N GLU D 148 -13.19 -14.13 21.24
CA GLU D 148 -14.09 -15.27 21.30
C GLU D 148 -14.39 -15.69 22.73
N ALA D 149 -13.42 -15.52 23.64
CA ALA D 149 -13.65 -15.81 25.04
C ALA D 149 -14.64 -14.83 25.66
N LYS D 150 -14.75 -13.62 25.12
CA LYS D 150 -15.68 -12.63 25.63
C LYS D 150 -17.09 -12.82 25.10
N GLY D 151 -17.29 -13.76 24.17
CA GLY D 151 -18.58 -14.03 23.60
C GLY D 151 -18.76 -13.59 22.17
N GLN D 152 -17.77 -12.91 21.59
CA GLN D 152 -17.88 -12.45 20.21
C GLN D 152 -17.83 -13.64 19.25
N LYS D 153 -18.68 -13.59 18.23
CA LYS D 153 -18.72 -14.63 17.22
C LYS D 153 -17.93 -14.13 16.02
N VAL D 154 -16.61 -14.38 16.05
CA VAL D 154 -15.73 -13.85 15.02
C VAL D 154 -15.98 -14.55 13.70
N ALA D 155 -16.11 -13.77 12.62
CA ALA D 155 -16.34 -14.29 11.28
C ALA D 155 -15.41 -13.59 10.30
N LEU D 156 -14.42 -14.32 9.81
CA LEU D 156 -13.47 -13.78 8.84
C LEU D 156 -14.12 -13.75 7.46
N LYS D 157 -14.19 -12.56 6.87
CA LYS D 157 -14.89 -12.35 5.61
C LYS D 157 -14.04 -11.50 4.67
N GLU D 158 -14.64 -11.13 3.54
CA GLU D 158 -13.90 -10.42 2.51
C GLU D 158 -13.57 -9.01 2.99
N ALA D 159 -12.55 -8.44 2.36
CA ALA D 159 -12.12 -7.09 2.70
C ALA D 159 -13.29 -6.13 2.61
N MET D 160 -13.30 -5.15 3.51
CA MET D 160 -14.37 -4.17 3.61
C MET D 160 -13.87 -2.80 3.19
N GLY D 161 -14.51 -2.21 2.19
CA GLY D 161 -14.38 -0.78 1.96
C GLY D 161 -13.39 -0.39 0.88
N SER D 162 -13.43 0.91 0.59
CA SER D 162 -12.41 1.53 -0.24
C SER D 162 -12.32 2.99 0.16
N THR D 163 -11.55 3.28 1.21
CA THR D 163 -11.44 4.65 1.67
C THR D 163 -10.55 5.43 0.72
N GLN D 164 -10.94 6.68 0.48
CA GLN D 164 -10.19 7.60 -0.36
C GLN D 164 -10.16 8.90 0.43
N SER D 165 -8.99 9.21 1.03
CA SER D 165 -8.94 10.17 2.13
C SER D 165 -7.83 11.20 1.95
N ILE D 166 -8.06 12.36 2.56
CA ILE D 166 -7.12 13.47 2.55
C ILE D 166 -7.04 14.03 3.96
N MET D 167 -5.82 14.19 4.49
CA MET D 167 -5.60 14.84 5.76
C MET D 167 -4.83 16.14 5.52
N VAL D 168 -5.16 17.17 6.29
CA VAL D 168 -4.56 18.49 6.11
C VAL D 168 -3.60 18.72 7.28
N GLY D 169 -2.33 18.95 6.96
CA GLY D 169 -1.32 19.15 7.97
C GLY D 169 -1.40 20.52 8.62
N PRO D 170 -0.65 20.72 9.71
CA PRO D 170 -0.76 21.99 10.45
C PRO D 170 -0.40 23.23 9.62
N ASP D 171 0.42 23.11 8.58
CA ASP D 171 0.82 24.25 7.75
C ASP D 171 0.06 24.31 6.44
N GLY D 172 -1.05 23.57 6.32
CA GLY D 172 -1.81 23.52 5.09
C GLY D 172 -1.35 22.49 4.08
N GLU D 173 -0.27 21.76 4.37
CA GLU D 173 0.18 20.71 3.46
C GLU D 173 -0.84 19.57 3.43
N LEU D 174 -0.85 18.81 2.33
CA LEU D 174 -1.84 17.76 2.12
C LEU D 174 -1.22 16.36 2.14
N TYR D 175 -1.93 15.43 2.76
CA TYR D 175 -1.52 14.04 2.86
C TYR D 175 -2.72 13.19 2.44
N GLY D 176 -2.52 12.24 1.53
CA GLY D 176 -3.62 11.45 1.03
C GLY D 176 -3.33 9.96 1.01
N ALA D 177 -4.41 9.18 0.94
CA ALA D 177 -4.27 7.74 0.85
C ALA D 177 -5.45 7.13 0.10
N SER D 178 -5.14 6.30 -0.90
CA SER D 178 -6.10 5.37 -1.48
C SER D 178 -5.97 4.02 -0.76
N ASP D 179 -6.98 3.19 -0.94
CA ASP D 179 -7.14 1.94 -0.21
C ASP D 179 -6.34 0.82 -0.86
N PRO D 180 -5.59 0.02 -0.09
CA PRO D 180 -4.98 -1.18 -0.67
C PRO D 180 -6.00 -2.16 -1.22
N ARG D 181 -7.24 -2.11 -0.73
CA ARG D 181 -8.23 -3.11 -1.14
C ARG D 181 -8.72 -2.89 -2.56
N SER D 182 -8.60 -1.67 -3.10
CA SER D 182 -9.07 -1.33 -4.43
C SER D 182 -7.89 -1.17 -5.36
N VAL D 183 -7.83 -1.96 -6.42
CA VAL D 183 -6.77 -1.72 -7.39
C VAL D 183 -7.21 -0.64 -8.37
N ASP D 184 -6.23 -0.01 -9.02
CA ASP D 184 -6.43 0.99 -10.07
C ASP D 184 -6.99 2.31 -9.56
N ASP D 185 -6.96 2.53 -8.24
CA ASP D 185 -7.35 3.81 -7.67
C ASP D 185 -6.13 4.74 -7.63
N LEU D 186 -6.35 5.98 -7.20
CA LEU D 186 -5.24 6.93 -7.16
C LEU D 186 -5.59 8.11 -6.27
N THR D 187 -4.63 8.49 -5.42
CA THR D 187 -4.63 9.79 -4.76
C THR D 187 -3.47 10.58 -5.34
N ALA D 188 -3.73 11.83 -5.74
CA ALA D 188 -2.73 12.60 -6.43
C ALA D 188 -2.98 14.09 -6.22
N GLY D 189 -1.94 14.87 -6.40
CA GLY D 189 -2.09 16.30 -6.24
C GLY D 189 -1.02 17.09 -6.93
N TYR D 190 -0.88 18.34 -6.52
CA TYR D 190 0.11 19.25 -7.08
C TYR D 190 0.44 20.32 -6.05
O1 6FY E . 25.26 -5.92 4.62
C2 6FY E . 25.81 -5.05 3.90
O3 6FY E . 26.46 -5.24 2.85
C4 6FY E . 25.49 -3.61 4.28
N5 6FY E . 26.63 -2.77 3.91
C6 6FY E . 24.16 -3.24 3.56
C7 6FY E . 23.84 -1.87 4.07
P8 6FY E . 22.12 -1.48 3.50
O9 6FY E . 21.02 -2.52 3.87
O10 6FY E . 21.79 0.08 3.95
C11 6FY E . 20.48 0.72 3.95
C12 6FY E . 20.80 2.23 3.83
C13 6FY E . 21.54 2.69 5.08
C14 6FY E . 19.83 0.37 5.32
O15 6FY E . 20.59 -0.04 6.22
N16 6FY E . 18.50 0.44 5.55
C17 6FY E . 17.32 0.74 4.73
C18 6FY E . 16.29 -0.34 5.18
O19 6FY E . 15.93 -1.09 4.28
O20 6FY E . 15.86 -0.43 6.36
CA CA F . 6.07 1.74 -1.95
O1 6FY G . -26.22 2.72 1.79
C2 6FY G . -26.43 2.81 0.57
O3 6FY G . -26.71 3.85 -0.03
C4 6FY G . -26.14 1.56 -0.26
N5 6FY G . -26.98 1.61 -1.42
C6 6FY G . -24.65 1.67 -0.65
C7 6FY G . -24.30 0.44 -1.49
P8 6FY G . -22.49 0.49 -1.74
O9 6FY G . -21.61 0.72 -0.49
O10 6FY G . -22.04 -0.64 -2.82
C11 6FY G . -20.96 -1.64 -2.83
C12 6FY G . -21.44 -2.74 -3.76
C13 6FY G . -21.43 -2.13 -5.17
C14 6FY G . -20.71 -2.36 -1.52
O15 6FY G . -21.69 -2.83 -0.94
N16 6FY G . -19.42 -2.62 -1.10
C17 6FY G . -18.11 -2.17 -1.67
C18 6FY G . -16.91 -2.40 -0.64
O19 6FY G . -15.81 -1.91 -0.98
O20 6FY G . -17.07 -3.11 0.37
CA CA H . -5.36 0.82 -4.15
#